data_6UB2
#
_entry.id   6UB2
#
_cell.length_a   72.817
_cell.length_b   75.159
_cell.length_c   99.450
_cell.angle_alpha   90.000
_cell.angle_beta   103.600
_cell.angle_gamma   90.000
#
_symmetry.space_group_name_H-M   'P 1 21 1'
#
loop_
_entity.id
_entity.type
_entity.pdbx_description
1 polymer Endo-beta-1,3-glucanase
2 non-polymer '2-(N-MORPHOLINO)-ETHANESULFONIC ACID'
3 non-polymer 'CHLORIDE ION'
4 non-polymer 'SULFATE ION'
5 water water
#
_entity_poly.entity_id   1
_entity_poly.type   'polypeptide(L)'
_entity_poly.pdbx_seq_one_letter_code
;MGSSHHHHHHSSGLVPRGSHMASGKRGLAWPWYNSPLDPGVLNNGDGEVVAIYDWETYAPPTSTGGTGGLGFIGMQGTMD
SDSSPVAQLATRQAQQGWATVFSLNEPDINGITPAEAASWYIEWVNPLAIKKALPAVTSSTTSGQGLSWLSEMISACAGA
CYFDYINLHWYGTSFAEFQAYIEQAHNQFPSYTIVISEFALTNGGNQVAFFESAFPFLDGLSYVLLYFPFVATSPALLQA
NDPGAVTTVGTGSCLYTNAGGPSSVGNLMY
;
_entity_poly.pdbx_strand_id   A,B,C,D
#
loop_
_chem_comp.id
_chem_comp.type
_chem_comp.name
_chem_comp.formula
CL non-polymer 'CHLORIDE ION' 'Cl -1'
MES non-polymer '2-(N-MORPHOLINO)-ETHANESULFONIC ACID' 'C6 H13 N O4 S'
SO4 non-polymer 'SULFATE ION' 'O4 S -2'
#
# COMPACT_ATOMS: atom_id res chain seq x y z
N SER A 23 22.01 -21.51 13.41
CA SER A 23 21.26 -21.34 12.13
C SER A 23 19.74 -21.23 12.40
N GLY A 24 19.26 -19.99 12.46
CA GLY A 24 17.82 -19.74 12.35
C GLY A 24 17.37 -20.02 10.93
N LYS A 25 16.07 -20.14 10.77
CA LYS A 25 15.43 -20.39 9.44
C LYS A 25 14.48 -19.26 9.02
N ARG A 26 14.31 -18.23 9.84
CA ARG A 26 13.19 -17.29 9.62
C ARG A 26 13.59 -16.16 8.66
N GLY A 27 12.66 -15.78 7.81
CA GLY A 27 12.96 -14.65 6.95
C GLY A 27 11.76 -13.77 6.68
N LEU A 28 12.04 -12.63 6.11
CA LEU A 28 11.05 -11.57 5.85
C LEU A 28 10.66 -11.62 4.39
N ALA A 29 9.36 -11.76 4.17
CA ALA A 29 8.79 -11.56 2.84
C ALA A 29 8.35 -10.10 2.81
N TRP A 30 9.14 -9.29 2.12
CA TRP A 30 9.28 -7.84 2.25
C TRP A 30 8.78 -7.17 0.99
N PRO A 31 7.55 -6.65 0.92
CA PRO A 31 7.08 -6.05 -0.33
C PRO A 31 7.79 -4.76 -0.80
N TRP A 32 7.59 -4.49 -2.09
CA TRP A 32 8.16 -3.36 -2.86
C TRP A 32 7.76 -2.03 -2.21
N TYR A 33 6.65 -2.00 -1.47
CA TYR A 33 6.06 -0.76 -0.94
C TYR A 33 6.51 -0.51 0.50
N ASN A 34 7.54 -1.20 1.01
CA ASN A 34 7.90 -1.14 2.45
C ASN A 34 8.95 -0.08 2.74
N SER A 35 9.16 0.96 1.93
CA SER A 35 10.14 2.04 2.31
C SER A 35 9.94 2.60 3.71
N PRO A 36 8.70 2.72 4.26
CA PRO A 36 8.51 3.16 5.66
C PRO A 36 9.05 2.29 6.80
N LEU A 37 9.31 1.00 6.55
CA LEU A 37 9.61 0.01 7.63
C LEU A 37 11.09 -0.36 7.68
N ASP A 38 11.51 -0.86 8.83
CA ASP A 38 12.91 -1.18 9.21
C ASP A 38 12.98 -2.68 9.45
N PRO A 39 13.69 -3.46 8.62
CA PRO A 39 13.77 -4.91 8.81
C PRO A 39 14.52 -5.24 10.09
N GLY A 40 15.42 -4.36 10.53
CA GLY A 40 16.18 -4.57 11.78
C GLY A 40 15.26 -4.67 13.01
N VAL A 41 14.00 -4.19 12.92
CA VAL A 41 13.06 -4.27 14.07
C VAL A 41 12.84 -5.74 14.43
N LEU A 42 12.92 -6.65 13.45
CA LEU A 42 12.62 -8.08 13.68
C LEU A 42 13.93 -8.85 13.77
N ASN A 43 15.05 -8.15 13.95
CA ASN A 43 16.39 -8.77 14.18
C ASN A 43 16.87 -8.32 15.55
N ASN A 44 16.63 -9.14 16.59
CA ASN A 44 16.98 -8.82 17.99
C ASN A 44 18.38 -9.35 18.29
N GLY A 45 19.11 -9.91 17.30
CA GLY A 45 20.49 -10.39 17.50
C GLY A 45 20.62 -11.81 18.07
N ASP A 46 19.53 -12.54 18.29
CA ASP A 46 19.53 -13.93 18.82
C ASP A 46 19.61 -14.91 17.65
N GLY A 47 19.61 -14.43 16.41
CA GLY A 47 19.87 -15.21 15.19
C GLY A 47 18.69 -16.05 14.68
N GLU A 48 17.46 -15.85 15.12
CA GLU A 48 16.35 -16.66 14.55
C GLU A 48 15.98 -16.17 13.14
N VAL A 49 16.11 -14.88 12.90
CA VAL A 49 15.71 -14.28 11.60
C VAL A 49 17.00 -14.04 10.79
N VAL A 50 17.08 -14.58 9.58
CA VAL A 50 18.40 -14.61 8.87
C VAL A 50 18.28 -14.07 7.46
N ALA A 51 17.08 -14.01 6.89
CA ALA A 51 16.94 -13.71 5.46
C ALA A 51 15.75 -12.79 5.15
N ILE A 52 15.85 -12.21 3.96
CA ILE A 52 14.87 -11.24 3.42
C ILE A 52 14.85 -11.46 1.92
N TYR A 53 13.66 -11.46 1.32
CA TYR A 53 13.50 -11.40 -0.15
C TYR A 53 12.35 -10.43 -0.43
N ASP A 54 12.27 -9.88 -1.65
CA ASP A 54 11.30 -8.79 -1.94
C ASP A 54 10.56 -9.02 -3.25
N TRP A 55 10.57 -10.26 -3.71
CA TRP A 55 9.94 -10.73 -4.95
C TRP A 55 10.62 -10.13 -6.19
N GLU A 56 11.77 -9.48 -6.04
CA GLU A 56 12.42 -8.71 -7.13
C GLU A 56 13.92 -8.94 -7.07
N THR A 57 14.65 -8.42 -8.03
CA THR A 57 16.12 -8.50 -8.04
C THR A 57 16.81 -7.18 -7.61
N TYR A 58 16.05 -6.18 -7.14
CA TYR A 58 16.56 -4.89 -6.61
C TYR A 58 16.47 -4.98 -5.09
N ALA A 59 17.35 -4.25 -4.42
CA ALA A 59 17.51 -4.24 -2.94
C ALA A 59 16.19 -3.86 -2.26
N PRO A 60 15.88 -4.47 -1.11
CA PRO A 60 14.67 -4.13 -0.35
C PRO A 60 14.55 -2.63 -0.10
N PRO A 61 13.41 -2.00 -0.43
CA PRO A 61 13.15 -0.61 -0.05
C PRO A 61 12.85 -0.54 1.44
N THR A 62 13.70 0.15 2.22
CA THR A 62 13.59 0.25 3.71
C THR A 62 13.76 1.72 4.17
N SER A 63 13.48 1.96 5.44
CA SER A 63 13.65 3.27 6.11
C SER A 63 15.11 3.49 6.46
N THR A 64 15.96 2.46 6.38
CA THR A 64 17.37 2.54 6.84
C THR A 64 18.38 2.52 5.69
N GLY A 65 17.98 2.17 4.46
CA GLY A 65 18.93 1.91 3.36
C GLY A 65 19.58 0.54 3.44
N GLY A 66 19.38 -0.21 4.51
CA GLY A 66 19.90 -1.58 4.68
C GLY A 66 18.81 -2.62 4.90
N THR A 67 19.22 -3.80 5.34
CA THR A 67 18.34 -4.98 5.50
C THR A 67 18.44 -5.44 6.93
N GLY A 68 18.89 -4.58 7.83
CA GLY A 68 18.83 -4.88 9.28
C GLY A 68 19.70 -6.07 9.69
N GLY A 69 20.76 -6.32 8.93
CA GLY A 69 21.69 -7.44 9.18
C GLY A 69 21.21 -8.73 8.53
N LEU A 70 20.09 -8.72 7.79
CA LEU A 70 19.58 -9.96 7.14
C LEU A 70 20.23 -10.14 5.74
N GLY A 71 20.47 -11.38 5.33
CA GLY A 71 20.91 -11.72 3.97
C GLY A 71 19.78 -11.62 2.96
N PHE A 72 19.94 -10.71 2.00
CA PHE A 72 18.98 -10.56 0.89
C PHE A 72 19.18 -11.63 -0.19
N ILE A 73 18.04 -12.18 -0.60
CA ILE A 73 17.87 -13.24 -1.57
C ILE A 73 17.16 -12.59 -2.74
N GLY A 74 17.86 -12.46 -3.84
CA GLY A 74 17.26 -11.87 -5.06
C GLY A 74 16.19 -12.80 -5.56
N MET A 75 15.30 -12.31 -6.42
CA MET A 75 14.22 -13.18 -6.90
C MET A 75 13.75 -12.75 -8.28
N GLN A 76 13.94 -13.64 -9.26
CA GLN A 76 13.47 -13.44 -10.64
C GLN A 76 12.10 -14.09 -10.69
N GLY A 77 11.08 -13.37 -10.25
CA GLY A 77 9.77 -13.97 -10.01
C GLY A 77 8.94 -14.04 -11.27
N THR A 78 9.31 -13.33 -12.32
CA THR A 78 8.63 -13.46 -13.64
C THR A 78 9.74 -13.72 -14.67
N MET A 79 9.34 -14.09 -15.86
CA MET A 79 10.31 -14.43 -16.92
C MET A 79 11.07 -13.17 -17.37
N ASP A 80 10.44 -12.03 -17.20
CA ASP A 80 11.03 -10.71 -17.51
C ASP A 80 9.99 -9.65 -17.08
N SER A 81 10.47 -8.58 -16.46
CA SER A 81 9.61 -7.46 -16.02
C SER A 81 10.44 -6.19 -16.08
N ASP A 82 9.74 -5.03 -16.08
CA ASP A 82 10.37 -3.68 -16.01
C ASP A 82 11.20 -3.57 -14.73
N SER A 83 10.69 -4.08 -13.63
CA SER A 83 11.30 -3.97 -12.28
C SER A 83 12.43 -4.99 -12.09
N SER A 84 12.32 -6.19 -12.66
CA SER A 84 13.34 -7.27 -12.60
C SER A 84 13.64 -7.76 -14.01
N PRO A 85 14.29 -6.93 -14.87
CA PRO A 85 14.57 -7.36 -16.23
C PRO A 85 15.55 -8.53 -16.20
N VAL A 86 15.19 -9.60 -16.88
CA VAL A 86 15.95 -10.89 -16.78
C VAL A 86 17.34 -10.67 -17.38
N ALA A 87 17.50 -9.74 -18.32
CA ALA A 87 18.81 -9.45 -18.91
C ALA A 87 19.75 -8.89 -17.85
N GLN A 88 19.21 -8.36 -16.74
CA GLN A 88 20.01 -7.76 -15.63
C GLN A 88 20.21 -8.72 -14.46
N LEU A 89 19.66 -9.95 -14.53
CA LEU A 89 19.65 -10.91 -13.37
C LEU A 89 21.08 -11.24 -12.94
N ALA A 90 21.97 -11.60 -13.89
CA ALA A 90 23.39 -11.98 -13.57
C ALA A 90 24.16 -10.78 -13.00
N THR A 91 24.05 -9.63 -13.63
CA THR A 91 24.70 -8.38 -13.19
C THR A 91 24.23 -7.99 -11.80
N ARG A 92 22.92 -8.01 -11.53
CA ARG A 92 22.42 -7.59 -10.21
C ARG A 92 22.98 -8.54 -9.15
N GLN A 93 23.02 -9.86 -9.45
CA GLN A 93 23.49 -10.88 -8.48
C GLN A 93 24.96 -10.61 -8.18
N ALA A 94 25.73 -10.34 -9.21
CA ALA A 94 27.17 -10.05 -9.05
C ALA A 94 27.33 -8.75 -8.26
N GLN A 95 26.66 -7.66 -8.62
CA GLN A 95 26.85 -6.33 -7.97
C GLN A 95 26.42 -6.47 -6.50
N GLN A 96 25.33 -7.18 -6.24
CA GLN A 96 24.76 -7.17 -4.87
C GLN A 96 25.33 -8.30 -4.00
N GLY A 97 25.99 -9.29 -4.59
CA GLY A 97 26.61 -10.44 -3.88
C GLY A 97 25.62 -11.32 -3.17
N TRP A 98 24.43 -11.61 -3.73
CA TRP A 98 23.51 -12.58 -3.07
C TRP A 98 24.25 -13.90 -2.86
N ALA A 99 23.92 -14.61 -1.79
CA ALA A 99 24.33 -16.01 -1.54
C ALA A 99 23.25 -16.98 -2.09
N THR A 100 22.03 -16.50 -2.31
CA THR A 100 20.92 -17.31 -2.78
C THR A 100 20.05 -16.53 -3.76
N VAL A 101 19.44 -17.22 -4.74
CA VAL A 101 18.46 -16.61 -5.68
C VAL A 101 17.23 -17.51 -5.74
N PHE A 102 16.06 -16.87 -5.82
CA PHE A 102 14.73 -17.54 -6.01
C PHE A 102 14.31 -17.34 -7.46
N SER A 103 13.46 -18.20 -8.00
CA SER A 103 13.01 -18.05 -9.40
C SER A 103 11.50 -17.79 -9.47
N LEU A 104 10.83 -18.32 -10.48
CA LEU A 104 9.48 -17.85 -10.82
C LEU A 104 8.49 -17.98 -9.68
N ASN A 105 7.58 -17.00 -9.58
CA ASN A 105 6.50 -17.00 -8.57
C ASN A 105 5.28 -17.68 -9.15
N GLU A 106 4.93 -18.87 -8.65
CA GLU A 106 3.67 -19.59 -8.93
C GLU A 106 3.44 -19.69 -10.45
N PRO A 107 4.43 -20.23 -11.21
CA PRO A 107 4.24 -20.49 -12.62
C PRO A 107 3.13 -21.53 -12.87
N ASP A 108 2.91 -22.39 -11.87
CA ASP A 108 1.94 -23.51 -11.88
C ASP A 108 0.51 -23.01 -12.07
N ILE A 109 0.21 -21.77 -11.69
CA ILE A 109 -1.16 -21.19 -11.89
C ILE A 109 -1.10 -19.95 -12.81
N ASN A 110 0.05 -19.64 -13.46
CA ASN A 110 0.20 -18.43 -14.32
C ASN A 110 0.52 -18.78 -15.79
N GLY A 111 0.01 -19.91 -16.27
CA GLY A 111 0.04 -20.38 -17.68
C GLY A 111 1.43 -20.54 -18.23
N ILE A 112 2.41 -20.90 -17.39
CA ILE A 112 3.80 -21.28 -17.83
C ILE A 112 3.90 -22.82 -17.79
N THR A 113 4.30 -23.47 -18.89
CA THR A 113 4.33 -24.96 -18.99
C THR A 113 5.60 -25.40 -18.30
N PRO A 114 5.61 -26.62 -17.73
CA PRO A 114 6.80 -27.13 -17.05
C PRO A 114 8.00 -27.10 -18.01
N ALA A 115 7.78 -27.39 -19.31
CA ALA A 115 8.88 -27.35 -20.31
C ALA A 115 9.33 -25.90 -20.55
N GLU A 116 8.39 -24.94 -20.61
CA GLU A 116 8.80 -23.50 -20.76
C GLU A 116 9.64 -23.04 -19.56
N ALA A 117 9.20 -23.34 -18.35
CA ALA A 117 9.95 -22.98 -17.12
C ALA A 117 11.35 -23.60 -17.14
N ALA A 118 11.47 -24.89 -17.47
CA ALA A 118 12.76 -25.62 -17.42
C ALA A 118 13.76 -24.92 -18.35
N SER A 119 13.30 -24.64 -19.55
CA SER A 119 14.14 -24.03 -20.59
C SER A 119 14.54 -22.60 -20.18
N TRP A 120 13.60 -21.81 -19.64
CA TRP A 120 13.88 -20.43 -19.14
C TRP A 120 14.86 -20.53 -17.97
N TYR A 121 14.65 -21.48 -17.07
CA TYR A 121 15.49 -21.63 -15.86
C TYR A 121 16.93 -21.98 -16.28
N ILE A 122 17.07 -22.90 -17.22
CA ILE A 122 18.44 -23.30 -17.68
C ILE A 122 19.10 -22.08 -18.31
N GLU A 123 18.36 -21.33 -19.12
CA GLU A 123 18.95 -20.16 -19.79
C GLU A 123 19.37 -19.09 -18.78
N TRP A 124 18.53 -18.75 -17.82
CA TRP A 124 18.71 -17.49 -17.06
C TRP A 124 19.20 -17.68 -15.62
N VAL A 125 18.77 -18.73 -14.94
CA VAL A 125 19.11 -18.93 -13.51
C VAL A 125 20.38 -19.76 -13.34
N ASN A 126 20.53 -20.87 -14.07
CA ASN A 126 21.71 -21.78 -14.04
C ASN A 126 23.02 -21.01 -13.97
N PRO A 127 23.28 -19.97 -14.78
CA PRO A 127 24.57 -19.27 -14.72
C PRO A 127 24.92 -18.55 -13.40
N LEU A 128 23.95 -18.31 -12.52
CA LEU A 128 24.22 -17.69 -11.23
C LEU A 128 24.84 -18.75 -10.34
N ALA A 129 26.12 -18.63 -10.04
CA ALA A 129 26.92 -19.69 -9.38
C ALA A 129 26.74 -19.55 -7.88
N ILE A 130 25.49 -19.56 -7.42
CA ILE A 130 25.20 -19.47 -5.96
C ILE A 130 24.07 -20.45 -5.66
N LYS A 131 23.47 -20.42 -4.49
CA LYS A 131 22.37 -21.36 -4.13
C LYS A 131 21.12 -20.89 -4.88
N LYS A 132 20.38 -21.84 -5.41
CA LYS A 132 19.27 -21.57 -6.35
C LYS A 132 18.07 -22.40 -5.93
N ALA A 133 16.90 -21.79 -6.07
CA ALA A 133 15.61 -22.42 -5.78
C ALA A 133 14.85 -22.51 -7.09
N LEU A 134 14.29 -23.69 -7.35
CA LEU A 134 13.26 -23.93 -8.39
C LEU A 134 12.05 -23.07 -8.03
N PRO A 135 11.17 -22.77 -9.00
CA PRO A 135 10.05 -21.86 -8.76
C PRO A 135 9.17 -22.26 -7.60
N ALA A 136 8.61 -21.23 -6.93
CA ALA A 136 7.65 -21.37 -5.84
C ALA A 136 6.42 -21.94 -6.48
N VAL A 137 5.91 -23.05 -5.96
CA VAL A 137 4.57 -23.50 -6.46
C VAL A 137 3.55 -23.44 -5.33
N THR A 138 2.28 -23.40 -5.73
CA THR A 138 1.14 -23.39 -4.82
C THR A 138 0.91 -24.80 -4.27
N SER A 139 0.03 -24.85 -3.28
CA SER A 139 -0.36 -26.06 -2.54
C SER A 139 -1.49 -26.79 -3.25
N SER A 140 -1.86 -26.35 -4.45
CA SER A 140 -2.87 -27.02 -5.30
C SER A 140 -2.56 -28.53 -5.46
N THR A 141 -3.59 -29.36 -5.30
CA THR A 141 -3.57 -30.84 -5.52
C THR A 141 -3.90 -31.20 -7.00
N THR A 142 -4.22 -30.22 -7.82
CA THR A 142 -4.58 -30.46 -9.23
C THR A 142 -3.34 -30.94 -10.01
N SER A 143 -3.56 -31.96 -10.86
CA SER A 143 -2.57 -32.38 -11.87
C SER A 143 -2.20 -31.17 -12.75
N GLY A 144 -0.91 -30.97 -12.98
CA GLY A 144 -0.44 -29.83 -13.77
C GLY A 144 -0.38 -28.54 -12.95
N GLN A 145 -0.72 -28.59 -11.66
CA GLN A 145 -0.48 -27.45 -10.73
C GLN A 145 0.33 -27.92 -9.53
N GLY A 146 0.81 -27.01 -8.72
CA GLY A 146 1.47 -27.31 -7.44
C GLY A 146 2.62 -28.29 -7.63
N LEU A 147 2.70 -29.27 -6.74
CA LEU A 147 3.81 -30.27 -6.75
C LEU A 147 3.73 -31.13 -8.00
N SER A 148 2.56 -31.32 -8.59
CA SER A 148 2.44 -32.09 -9.85
C SER A 148 3.18 -31.32 -10.96
N TRP A 149 2.87 -30.00 -11.07
CA TRP A 149 3.54 -29.09 -12.04
C TRP A 149 5.04 -29.18 -11.76
N LEU A 150 5.41 -29.12 -10.49
CA LEU A 150 6.87 -29.15 -10.15
C LEU A 150 7.48 -30.46 -10.63
N SER A 151 6.86 -31.60 -10.33
CA SER A 151 7.36 -32.92 -10.81
C SER A 151 7.52 -32.90 -12.34
N GLU A 152 6.59 -32.29 -13.06
CA GLU A 152 6.68 -32.21 -14.55
C GLU A 152 7.82 -31.29 -14.96
N MET A 153 8.10 -30.22 -14.22
CA MET A 153 9.24 -29.32 -14.52
C MET A 153 10.54 -30.09 -14.25
N ILE A 154 10.62 -30.86 -13.20
CA ILE A 154 11.86 -31.64 -12.89
C ILE A 154 12.08 -32.68 -14.00
N SER A 155 11.03 -33.29 -14.52
CA SER A 155 11.09 -34.25 -15.66
C SER A 155 11.67 -33.53 -16.89
N ALA A 156 11.16 -32.32 -17.19
CA ALA A 156 11.60 -31.52 -18.36
C ALA A 156 13.07 -31.16 -18.18
N CYS A 157 13.48 -30.72 -17.01
CA CYS A 157 14.90 -30.36 -16.71
C CYS A 157 15.81 -31.57 -17.01
N ALA A 158 15.38 -32.74 -16.55
CA ALA A 158 16.08 -34.06 -16.55
C ALA A 158 17.53 -33.94 -16.05
N GLY A 159 17.82 -33.19 -15.00
CA GLY A 159 19.19 -33.08 -14.47
C GLY A 159 19.92 -31.83 -14.96
N ALA A 160 19.37 -31.12 -15.94
CA ALA A 160 20.03 -29.96 -16.57
C ALA A 160 19.74 -28.63 -15.82
N CYS A 161 18.68 -28.52 -15.03
CA CYS A 161 18.44 -27.37 -14.12
C CYS A 161 19.36 -27.54 -12.91
N TYR A 162 20.28 -26.60 -12.65
CA TYR A 162 21.04 -26.60 -11.38
C TYR A 162 20.24 -25.87 -10.29
N PHE A 163 20.02 -26.58 -9.19
CA PHE A 163 19.27 -26.02 -8.03
C PHE A 163 19.74 -26.70 -6.75
N ASP A 164 19.45 -26.04 -5.63
CA ASP A 164 19.67 -26.50 -4.26
C ASP A 164 18.35 -26.77 -3.53
N TYR A 165 17.29 -26.04 -3.85
CA TYR A 165 16.06 -26.00 -3.05
C TYR A 165 14.88 -26.16 -3.99
N ILE A 166 13.80 -26.67 -3.44
CA ILE A 166 12.43 -26.46 -3.98
C ILE A 166 11.77 -25.48 -3.01
N ASN A 167 10.78 -24.76 -3.55
CA ASN A 167 10.20 -23.54 -2.99
C ASN A 167 8.69 -23.72 -2.94
N LEU A 168 8.13 -23.74 -1.74
CA LEU A 168 6.68 -23.99 -1.51
C LEU A 168 5.95 -22.73 -1.03
N HIS A 169 4.73 -22.58 -1.52
CA HIS A 169 3.72 -21.71 -0.87
C HIS A 169 2.68 -22.59 -0.15
N TRP A 170 2.02 -22.02 0.87
CA TRP A 170 0.83 -22.64 1.47
C TRP A 170 -0.04 -21.56 2.10
N TYR A 171 -1.30 -21.59 1.72
CA TYR A 171 -2.40 -20.91 2.41
C TYR A 171 -3.52 -21.95 2.59
N GLY A 172 -4.02 -22.09 3.81
CA GLY A 172 -5.20 -22.91 4.11
C GLY A 172 -5.80 -22.54 5.45
N THR A 173 -6.50 -23.45 6.09
CA THR A 173 -7.40 -23.07 7.19
C THR A 173 -6.93 -23.71 8.48
N SER A 174 -5.98 -24.64 8.51
CA SER A 174 -5.55 -25.24 9.80
C SER A 174 -4.06 -25.61 9.83
N PHE A 175 -3.47 -25.55 11.01
CA PHE A 175 -2.08 -25.99 11.23
C PHE A 175 -1.94 -27.46 10.80
N ALA A 176 -2.93 -28.29 11.13
CA ALA A 176 -2.95 -29.73 10.77
C ALA A 176 -2.82 -29.87 9.24
N GLU A 177 -3.58 -29.10 8.47
CA GLU A 177 -3.52 -29.19 6.98
C GLU A 177 -2.11 -28.76 6.53
N PHE A 178 -1.54 -27.77 7.17
CA PHE A 178 -0.20 -27.25 6.78
C PHE A 178 0.83 -28.36 7.05
N GLN A 179 0.78 -28.93 8.24
CA GLN A 179 1.71 -30.03 8.63
C GLN A 179 1.56 -31.18 7.63
N ALA A 180 0.33 -31.54 7.29
CA ALA A 180 0.09 -32.65 6.35
C ALA A 180 0.74 -32.32 5.00
N TYR A 181 0.64 -31.06 4.57
CA TYR A 181 1.16 -30.62 3.25
C TYR A 181 2.69 -30.65 3.22
N ILE A 182 3.36 -30.18 4.27
CA ILE A 182 4.84 -30.17 4.25
C ILE A 182 5.32 -31.64 4.27
N GLU A 183 4.69 -32.50 5.07
CA GLU A 183 5.05 -33.93 5.16
C GLU A 183 4.81 -34.59 3.79
N GLN A 184 3.69 -34.27 3.13
CA GLN A 184 3.42 -34.77 1.75
C GLN A 184 4.51 -34.30 0.78
N ALA A 185 4.96 -33.04 0.84
CA ALA A 185 6.03 -32.56 -0.07
C ALA A 185 7.32 -33.34 0.22
N HIS A 186 7.69 -33.52 1.51
CA HIS A 186 8.90 -34.29 1.88
C HIS A 186 8.79 -35.74 1.39
N ASN A 187 7.60 -36.32 1.47
CA ASN A 187 7.36 -37.74 1.06
C ASN A 187 7.56 -37.83 -0.45
N GLN A 188 7.17 -36.81 -1.23
CA GLN A 188 7.35 -36.82 -2.70
C GLN A 188 8.79 -36.52 -3.10
N PHE A 189 9.56 -35.74 -2.30
CA PHE A 189 10.92 -35.24 -2.63
C PHE A 189 11.83 -35.44 -1.42
N PRO A 190 12.01 -36.69 -0.95
CA PRO A 190 12.61 -36.95 0.35
C PRO A 190 14.07 -36.52 0.45
N SER A 191 14.79 -36.44 -0.66
CA SER A 191 16.22 -36.05 -0.63
C SER A 191 16.37 -34.56 -0.84
N TYR A 192 15.27 -33.85 -1.11
CA TYR A 192 15.28 -32.38 -1.41
C TYR A 192 15.28 -31.55 -0.11
N THR A 193 15.81 -30.32 -0.22
CA THR A 193 15.74 -29.26 0.80
C THR A 193 14.67 -28.25 0.38
N ILE A 194 13.84 -27.89 1.34
CA ILE A 194 12.64 -27.04 1.11
C ILE A 194 12.88 -25.67 1.73
N VAL A 195 12.49 -24.65 0.96
CA VAL A 195 12.18 -23.30 1.51
C VAL A 195 10.70 -23.05 1.34
N ILE A 196 10.14 -22.32 2.31
CA ILE A 196 8.70 -21.95 2.30
C ILE A 196 8.65 -20.42 2.19
N SER A 197 8.48 -19.92 0.97
CA SER A 197 8.66 -18.48 0.66
C SER A 197 7.41 -17.66 1.08
N GLU A 198 6.24 -18.28 1.17
CA GLU A 198 4.99 -17.62 1.61
C GLU A 198 4.11 -18.65 2.36
N PHE A 199 3.58 -18.30 3.54
CA PHE A 199 2.57 -19.16 4.21
C PHE A 199 1.83 -18.32 5.27
N ALA A 200 0.55 -18.60 5.37
CA ALA A 200 -0.38 -18.06 6.39
C ALA A 200 -1.71 -18.79 6.25
N LEU A 201 -2.57 -18.60 7.23
CA LEU A 201 -4.00 -18.99 7.17
C LEU A 201 -4.75 -17.99 6.30
N THR A 202 -5.80 -18.44 5.67
CA THR A 202 -6.71 -17.57 4.92
C THR A 202 -7.48 -16.68 5.94
N ASN A 203 -8.27 -15.72 5.43
CA ASN A 203 -8.99 -14.72 6.28
C ASN A 203 -9.83 -15.43 7.38
N GLY A 204 -9.90 -14.86 8.58
CA GLY A 204 -10.70 -15.42 9.69
C GLY A 204 -9.90 -16.33 10.60
N GLY A 205 -8.82 -16.96 10.12
CA GLY A 205 -8.04 -17.88 10.97
C GLY A 205 -7.31 -17.13 12.07
N ASN A 206 -6.99 -17.78 13.18
CA ASN A 206 -6.15 -17.18 14.24
C ASN A 206 -4.68 -17.39 13.83
N GLN A 207 -4.09 -16.33 13.26
CA GLN A 207 -2.74 -16.36 12.66
C GLN A 207 -1.71 -16.60 13.77
N VAL A 208 -1.91 -16.01 14.95
CA VAL A 208 -0.96 -16.19 16.07
C VAL A 208 -0.87 -17.68 16.47
N ALA A 209 -2.00 -18.33 16.75
CA ALA A 209 -2.05 -19.75 17.13
C ALA A 209 -1.38 -20.58 16.00
N PHE A 210 -1.62 -20.24 14.72
CA PHE A 210 -1.01 -20.96 13.57
C PHE A 210 0.52 -20.91 13.65
N PHE A 211 1.10 -19.72 13.70
CA PHE A 211 2.57 -19.57 13.61
C PHE A 211 3.20 -20.11 14.91
N GLU A 212 2.48 -20.07 16.03
CA GLU A 212 2.98 -20.58 17.33
C GLU A 212 3.13 -22.10 17.17
N SER A 213 2.27 -22.76 16.40
CA SER A 213 2.45 -24.18 16.06
C SER A 213 3.52 -24.37 14.98
N ALA A 214 3.46 -23.55 13.94
CA ALA A 214 4.21 -23.78 12.70
C ALA A 214 5.71 -23.56 12.92
N PHE A 215 6.14 -22.55 13.68
CA PHE A 215 7.59 -22.28 13.84
C PHE A 215 8.30 -23.49 14.47
N PRO A 216 7.94 -24.01 15.67
CA PRO A 216 8.67 -25.15 16.25
C PRO A 216 8.60 -26.37 15.31
N PHE A 217 7.47 -26.53 14.60
CA PHE A 217 7.35 -27.66 13.65
C PHE A 217 8.42 -27.54 12.58
N LEU A 218 8.47 -26.40 11.89
CA LEU A 218 9.44 -26.19 10.79
C LEU A 218 10.87 -26.16 11.34
N ASP A 219 11.07 -25.61 12.54
CA ASP A 219 12.43 -25.55 13.13
C ASP A 219 12.94 -26.98 13.35
N GLY A 220 12.04 -27.93 13.61
CA GLY A 220 12.40 -29.33 13.90
C GLY A 220 12.65 -30.14 12.64
N LEU A 221 12.26 -29.68 11.44
CA LEU A 221 12.46 -30.48 10.19
C LEU A 221 13.85 -30.19 9.59
N SER A 222 14.72 -31.18 9.53
CA SER A 222 16.11 -31.05 9.01
C SER A 222 16.10 -30.70 7.52
N TYR A 223 15.03 -31.00 6.79
CA TYR A 223 14.95 -30.69 5.34
C TYR A 223 14.32 -29.32 5.04
N VAL A 224 13.83 -28.55 6.04
CA VAL A 224 13.36 -27.17 5.79
C VAL A 224 14.50 -26.21 6.17
N LEU A 225 15.02 -25.48 5.17
CA LEU A 225 16.13 -24.52 5.40
C LEU A 225 15.61 -23.15 5.87
N LEU A 226 14.55 -22.61 5.25
CA LEU A 226 14.06 -21.23 5.47
C LEU A 226 12.53 -21.22 5.36
N TYR A 227 11.92 -20.33 6.13
CA TYR A 227 10.45 -20.07 5.98
C TYR A 227 10.21 -18.58 6.23
N PHE A 228 9.27 -18.05 5.45
CA PHE A 228 8.89 -16.62 5.36
C PHE A 228 7.38 -16.58 5.50
N PRO A 229 6.88 -16.19 6.69
CA PRO A 229 5.48 -15.84 6.84
C PRO A 229 5.09 -14.78 5.80
N PHE A 230 3.94 -15.00 5.17
CA PHE A 230 3.24 -13.92 4.48
C PHE A 230 2.51 -13.11 5.57
N VAL A 231 2.96 -11.92 5.91
CA VAL A 231 3.82 -11.03 5.13
C VAL A 231 4.54 -10.10 6.08
N ALA A 232 5.79 -9.73 5.83
CA ALA A 232 6.50 -8.75 6.68
C ALA A 232 6.18 -7.34 6.20
N THR A 233 4.94 -6.91 6.37
CA THR A 233 4.54 -5.50 6.26
C THR A 233 3.52 -5.17 7.38
N SER A 234 2.99 -3.96 7.35
CA SER A 234 1.88 -3.49 8.23
C SER A 234 0.53 -3.67 7.57
N PRO A 235 -0.52 -3.79 8.39
CA PRO A 235 -1.90 -3.71 7.90
C PRO A 235 -2.17 -2.51 6.96
N ALA A 236 -1.72 -1.31 7.30
CA ALA A 236 -2.07 -0.09 6.52
C ALA A 236 -1.41 -0.21 5.15
N LEU A 237 -0.13 -0.55 5.11
CA LEU A 237 0.55 -0.70 3.79
C LEU A 237 -0.03 -1.86 2.99
N LEU A 238 -0.37 -2.99 3.60
CA LEU A 238 -1.03 -4.11 2.86
C LEU A 238 -2.38 -3.65 2.31
N GLN A 239 -3.15 -2.89 3.10
CA GLN A 239 -4.48 -2.42 2.61
C GLN A 239 -4.29 -1.41 1.48
N ALA A 240 -3.30 -0.52 1.58
CA ALA A 240 -3.05 0.54 0.57
C ALA A 240 -2.55 -0.02 -0.78
N ASN A 241 -1.74 -1.07 -0.78
CA ASN A 241 -0.92 -1.58 -1.92
C ASN A 241 -1.41 -2.95 -2.37
N ASP A 242 -2.11 -3.71 -1.52
CA ASP A 242 -2.46 -5.11 -1.83
C ASP A 242 -3.81 -5.45 -1.20
N PRO A 243 -4.89 -4.78 -1.62
CA PRO A 243 -6.23 -5.08 -1.10
C PRO A 243 -6.71 -6.52 -1.34
N GLY A 244 -6.30 -7.15 -2.44
CA GLY A 244 -6.61 -8.55 -2.74
C GLY A 244 -6.05 -9.48 -1.66
N ALA A 245 -4.86 -9.17 -1.16
CA ALA A 245 -4.23 -9.96 -0.08
C ALA A 245 -5.01 -9.80 1.23
N VAL A 246 -5.50 -8.58 1.50
CA VAL A 246 -6.32 -8.34 2.71
C VAL A 246 -7.59 -9.20 2.56
N THR A 247 -8.22 -9.26 1.39
CA THR A 247 -9.42 -10.12 1.26
C THR A 247 -9.03 -11.58 1.60
N THR A 248 -7.95 -12.07 1.03
CA THR A 248 -7.55 -13.50 1.10
C THR A 248 -7.05 -13.87 2.48
N VAL A 249 -6.12 -13.09 3.05
CA VAL A 249 -5.38 -13.47 4.29
C VAL A 249 -5.81 -12.62 5.51
N GLY A 250 -6.47 -11.46 5.29
CA GLY A 250 -6.73 -10.44 6.33
C GLY A 250 -5.47 -9.72 6.72
N THR A 251 -5.44 -9.15 7.92
CA THR A 251 -4.31 -8.30 8.36
C THR A 251 -3.66 -8.97 9.55
N GLY A 252 -4.10 -10.15 9.91
CA GLY A 252 -3.65 -10.83 11.15
C GLY A 252 -2.27 -11.46 10.99
N SER A 253 -1.79 -11.57 9.73
CA SER A 253 -0.46 -12.21 9.47
C SER A 253 0.63 -11.17 9.21
N CYS A 254 0.30 -9.89 9.28
CA CYS A 254 1.26 -8.79 9.10
C CYS A 254 2.21 -8.82 10.30
N LEU A 255 3.49 -8.87 10.01
CA LEU A 255 4.51 -8.99 11.08
C LEU A 255 4.73 -7.65 11.77
N TYR A 256 4.42 -6.57 11.09
CA TYR A 256 4.62 -5.19 11.57
C TYR A 256 3.27 -4.65 12.07
N THR A 257 3.33 -3.72 13.03
CA THR A 257 2.20 -2.82 13.34
C THR A 257 2.24 -1.60 12.42
N ASN A 258 1.14 -0.84 12.40
CA ASN A 258 1.06 0.37 11.58
C ASN A 258 2.14 1.37 11.99
N ALA A 259 2.64 1.36 13.24
CA ALA A 259 3.73 2.26 13.70
C ALA A 259 5.13 1.68 13.45
N GLY A 260 5.26 0.51 12.82
CA GLY A 260 6.57 -0.07 12.47
C GLY A 260 7.18 -0.94 13.55
N GLY A 261 6.45 -1.18 14.62
CA GLY A 261 6.80 -2.11 15.68
C GLY A 261 6.49 -3.54 15.24
N PRO A 262 6.87 -4.51 16.07
CA PRO A 262 6.46 -5.89 15.90
C PRO A 262 5.02 -6.14 16.30
N SER A 263 4.27 -6.82 15.44
CA SER A 263 2.87 -7.22 15.75
C SER A 263 2.90 -8.46 16.63
N SER A 264 1.72 -9.00 17.01
CA SER A 264 1.64 -10.23 17.83
C SER A 264 2.27 -11.39 17.04
N VAL A 265 2.19 -11.37 15.69
CA VAL A 265 2.89 -12.40 14.86
C VAL A 265 4.37 -12.02 14.74
N GLY A 266 4.71 -10.74 14.59
CA GLY A 266 6.12 -10.34 14.54
C GLY A 266 6.86 -10.79 15.78
N ASN A 267 6.19 -10.79 16.93
CA ASN A 267 6.89 -11.15 18.21
C ASN A 267 7.33 -12.62 18.14
N LEU A 268 6.65 -13.43 17.36
CA LEU A 268 6.97 -14.86 17.27
C LEU A 268 8.30 -15.02 16.51
N MET A 269 8.73 -14.04 15.75
CA MET A 269 9.93 -14.18 14.88
C MET A 269 11.20 -14.18 15.73
N TYR A 270 11.17 -13.55 16.88
CA TYR A 270 12.35 -13.41 17.76
C TYR A 270 12.78 -14.78 18.32
N ALA B 22 9.91 -2.31 -34.20
CA ALA B 22 8.47 -2.72 -34.23
C ALA B 22 8.12 -3.40 -32.89
N SER B 23 7.01 -3.00 -32.27
CA SER B 23 6.50 -3.57 -30.98
C SER B 23 5.54 -4.76 -31.23
N GLY B 24 4.87 -4.79 -32.40
CA GLY B 24 4.05 -5.95 -32.78
C GLY B 24 2.84 -6.09 -31.88
N LYS B 25 2.10 -4.98 -31.66
CA LYS B 25 0.94 -4.96 -30.70
C LYS B 25 -0.37 -4.56 -31.40
N ARG B 26 -0.34 -4.09 -32.64
CA ARG B 26 -1.58 -3.50 -33.25
C ARG B 26 -2.47 -4.56 -33.88
N GLY B 27 -3.77 -4.33 -33.88
CA GLY B 27 -4.76 -5.29 -34.39
C GLY B 27 -5.94 -4.60 -35.02
N LEU B 28 -6.55 -5.30 -35.95
CA LEU B 28 -7.81 -4.89 -36.61
C LEU B 28 -9.01 -5.44 -35.85
N ALA B 29 -9.88 -4.51 -35.43
CA ALA B 29 -11.23 -4.80 -34.95
C ALA B 29 -12.14 -4.77 -36.17
N TRP B 30 -12.48 -5.95 -36.71
CA TRP B 30 -12.95 -6.17 -38.08
C TRP B 30 -14.42 -6.60 -38.12
N PRO B 31 -15.37 -5.70 -38.42
CA PRO B 31 -16.78 -6.09 -38.36
C PRO B 31 -17.24 -7.13 -39.38
N TRP B 32 -18.37 -7.79 -39.03
CA TRP B 32 -19.01 -8.86 -39.85
C TRP B 32 -19.33 -8.34 -41.26
N TYR B 33 -19.46 -7.03 -41.45
CA TYR B 33 -19.96 -6.44 -42.73
C TYR B 33 -18.78 -6.01 -43.63
N ASN B 34 -17.54 -6.39 -43.31
CA ASN B 34 -16.33 -5.90 -44.00
C ASN B 34 -15.98 -6.69 -45.30
N SER B 35 -16.87 -7.53 -45.85
CA SER B 35 -16.48 -8.36 -47.02
C SER B 35 -15.93 -7.48 -48.13
N PRO B 36 -16.32 -6.18 -48.31
CA PRO B 36 -15.76 -5.38 -49.40
C PRO B 36 -14.29 -4.95 -49.20
N LEU B 37 -13.80 -5.00 -47.96
CA LEU B 37 -12.43 -4.49 -47.61
C LEU B 37 -11.41 -5.63 -47.42
N ASP B 38 -10.15 -5.26 -47.36
CA ASP B 38 -9.04 -6.23 -47.28
C ASP B 38 -8.11 -5.85 -46.15
N PRO B 39 -7.98 -6.68 -45.11
CA PRO B 39 -7.13 -6.37 -43.95
C PRO B 39 -5.66 -6.15 -44.33
N GLY B 40 -5.24 -6.79 -45.44
CA GLY B 40 -3.84 -6.70 -45.91
C GLY B 40 -3.44 -5.29 -46.25
N VAL B 41 -4.40 -4.44 -46.58
CA VAL B 41 -4.15 -2.99 -46.77
C VAL B 41 -3.36 -2.41 -45.60
N LEU B 42 -3.51 -2.95 -44.39
CA LEU B 42 -2.88 -2.37 -43.18
C LEU B 42 -1.74 -3.25 -42.71
N ASN B 43 -1.25 -4.16 -43.57
CA ASN B 43 -0.08 -5.02 -43.20
C ASN B 43 1.04 -4.74 -44.21
N ASN B 44 1.98 -3.88 -43.85
CA ASN B 44 3.11 -3.54 -44.74
C ASN B 44 4.30 -4.49 -44.49
N GLY B 45 4.17 -5.44 -43.58
CA GLY B 45 5.23 -6.44 -43.40
C GLY B 45 6.23 -6.02 -42.35
N ASP B 46 6.20 -4.80 -41.84
CA ASP B 46 7.19 -4.29 -40.86
C ASP B 46 6.93 -4.88 -39.46
N GLY B 47 5.76 -5.47 -39.21
CA GLY B 47 5.49 -6.20 -37.96
C GLY B 47 4.80 -5.38 -36.89
N GLU B 48 4.30 -4.16 -37.17
CA GLU B 48 3.49 -3.43 -36.14
C GLU B 48 2.11 -4.07 -35.99
N VAL B 49 1.49 -4.46 -37.10
CA VAL B 49 0.11 -4.98 -37.14
C VAL B 49 0.21 -6.51 -37.20
N VAL B 50 -0.36 -7.21 -36.20
CA VAL B 50 -0.15 -8.67 -35.98
C VAL B 50 -1.46 -9.43 -35.85
N ALA B 51 -2.60 -8.79 -35.57
CA ALA B 51 -3.80 -9.58 -35.20
C ALA B 51 -5.06 -8.99 -35.84
N ILE B 52 -6.11 -9.78 -35.77
CA ILE B 52 -7.46 -9.39 -36.25
C ILE B 52 -8.47 -10.21 -35.45
N TYR B 53 -9.57 -9.59 -35.02
CA TYR B 53 -10.71 -10.33 -34.45
C TYR B 53 -11.95 -9.73 -35.08
N ASP B 54 -13.05 -10.47 -35.12
CA ASP B 54 -14.23 -9.95 -35.80
C ASP B 54 -15.49 -10.06 -34.94
N TRP B 55 -15.32 -10.16 -33.64
CA TRP B 55 -16.37 -10.32 -32.60
C TRP B 55 -17.08 -11.69 -32.66
N GLU B 56 -16.59 -12.65 -33.45
CA GLU B 56 -17.27 -13.92 -33.78
C GLU B 56 -16.22 -15.04 -33.81
N THR B 57 -16.70 -16.28 -33.95
CA THR B 57 -15.86 -17.51 -34.04
C THR B 57 -15.72 -17.96 -35.49
N TYR B 58 -16.40 -17.30 -36.45
CA TYR B 58 -16.17 -17.57 -37.88
C TYR B 58 -15.13 -16.57 -38.39
N ALA B 59 -14.39 -16.95 -39.43
CA ALA B 59 -13.23 -16.22 -39.99
C ALA B 59 -13.65 -14.86 -40.50
N PRO B 60 -12.74 -13.87 -40.49
CA PRO B 60 -13.07 -12.53 -41.00
C PRO B 60 -13.57 -12.53 -42.43
N PRO B 61 -14.76 -11.97 -42.69
CA PRO B 61 -15.21 -11.79 -44.09
C PRO B 61 -14.39 -10.69 -44.81
N THR B 62 -13.71 -11.03 -45.89
CA THR B 62 -12.77 -10.10 -46.57
C THR B 62 -12.79 -10.28 -48.08
N SER B 63 -12.23 -9.33 -48.83
CA SER B 63 -12.30 -9.32 -50.32
C SER B 63 -11.36 -10.39 -50.87
N THR B 64 -10.27 -10.71 -50.15
CA THR B 64 -9.34 -11.79 -50.55
C THR B 64 -9.81 -13.15 -50.08
N GLY B 65 -10.64 -13.22 -49.04
CA GLY B 65 -10.95 -14.48 -48.35
C GLY B 65 -9.92 -14.75 -47.26
N GLY B 66 -8.82 -13.99 -47.21
CA GLY B 66 -7.76 -14.16 -46.19
C GLY B 66 -7.86 -13.11 -45.10
N THR B 67 -6.87 -13.09 -44.19
CA THR B 67 -6.78 -12.11 -43.08
C THR B 67 -5.55 -11.19 -43.21
N GLY B 68 -5.07 -10.94 -44.45
CA GLY B 68 -3.99 -9.98 -44.73
C GLY B 68 -2.70 -10.35 -44.05
N GLY B 69 -2.50 -11.64 -43.82
CA GLY B 69 -1.31 -12.19 -43.15
C GLY B 69 -1.37 -11.96 -41.66
N LEU B 70 -2.54 -11.57 -41.11
CA LEU B 70 -2.67 -11.31 -39.64
C LEU B 70 -3.22 -12.56 -38.91
N GLY B 71 -2.83 -12.73 -37.62
CA GLY B 71 -3.31 -13.82 -36.73
C GLY B 71 -4.73 -13.59 -36.25
N PHE B 72 -5.68 -14.42 -36.71
CA PHE B 72 -7.10 -14.34 -36.29
C PHE B 72 -7.27 -14.90 -34.88
N ILE B 73 -7.96 -14.11 -34.05
CA ILE B 73 -8.36 -14.42 -32.65
C ILE B 73 -9.84 -14.65 -32.69
N GLY B 74 -10.28 -15.89 -32.48
CA GLY B 74 -11.71 -16.15 -32.36
C GLY B 74 -12.30 -15.50 -31.11
N MET B 75 -13.60 -15.19 -31.15
CA MET B 75 -14.25 -14.49 -30.01
C MET B 75 -15.63 -15.05 -29.80
N GLN B 76 -15.87 -15.58 -28.61
CA GLN B 76 -17.23 -15.98 -28.13
C GLN B 76 -17.78 -14.79 -27.34
N GLY B 77 -18.37 -13.85 -28.08
CA GLY B 77 -18.73 -12.52 -27.56
C GLY B 77 -20.09 -12.50 -26.90
N THR B 78 -20.95 -13.45 -27.22
CA THR B 78 -22.19 -13.70 -26.47
C THR B 78 -22.13 -15.09 -25.86
N MET B 79 -23.02 -15.39 -24.91
CA MET B 79 -23.06 -16.71 -24.26
C MET B 79 -23.49 -17.78 -25.27
N ASP B 80 -24.26 -17.39 -26.26
CA ASP B 80 -24.64 -18.28 -27.39
C ASP B 80 -25.28 -17.44 -28.48
N SER B 81 -25.00 -17.70 -29.76
CA SER B 81 -25.67 -16.99 -30.88
C SER B 81 -25.79 -17.92 -32.10
N ASP B 82 -26.67 -17.59 -33.07
CA ASP B 82 -26.75 -18.34 -34.36
C ASP B 82 -25.40 -18.25 -35.10
N SER B 83 -24.73 -17.11 -35.07
CA SER B 83 -23.52 -16.85 -35.90
C SER B 83 -22.28 -17.50 -35.23
N SER B 84 -22.22 -17.45 -33.89
CA SER B 84 -21.19 -18.10 -33.03
C SER B 84 -21.85 -19.02 -32.00
N PRO B 85 -22.31 -20.23 -32.37
CA PRO B 85 -22.92 -21.15 -31.42
C PRO B 85 -21.86 -21.56 -30.40
N VAL B 86 -22.11 -21.42 -29.10
CA VAL B 86 -21.10 -21.77 -28.06
C VAL B 86 -20.75 -23.28 -28.14
N ALA B 87 -21.69 -24.12 -28.58
CA ALA B 87 -21.51 -25.59 -28.72
C ALA B 87 -20.52 -25.88 -29.87
N GLN B 88 -20.23 -24.86 -30.71
CA GLN B 88 -19.24 -24.98 -31.82
C GLN B 88 -17.91 -24.30 -31.43
N LEU B 89 -17.76 -23.75 -30.24
CA LEU B 89 -16.58 -22.89 -29.99
C LEU B 89 -15.33 -23.76 -30.10
N ALA B 90 -15.30 -24.90 -29.42
CA ALA B 90 -14.11 -25.77 -29.38
C ALA B 90 -13.85 -26.36 -30.78
N THR B 91 -14.89 -26.73 -31.53
CA THR B 91 -14.77 -27.27 -32.90
C THR B 91 -14.04 -26.27 -33.80
N ARG B 92 -14.47 -25.00 -33.76
CA ARG B 92 -13.97 -23.88 -34.59
C ARG B 92 -12.55 -23.60 -34.13
N GLN B 93 -12.25 -23.71 -32.83
CA GLN B 93 -10.89 -23.34 -32.36
C GLN B 93 -9.96 -24.38 -32.97
N ALA B 94 -10.34 -25.64 -32.92
CA ALA B 94 -9.50 -26.72 -33.44
C ALA B 94 -9.38 -26.63 -34.97
N GLN B 95 -10.48 -26.35 -35.65
CA GLN B 95 -10.49 -26.38 -37.15
C GLN B 95 -9.64 -25.20 -37.65
N GLN B 96 -9.79 -24.04 -37.02
CA GLN B 96 -9.11 -22.80 -37.47
C GLN B 96 -7.71 -22.73 -36.84
N GLY B 97 -7.42 -23.38 -35.70
CA GLY B 97 -6.08 -23.28 -35.11
C GLY B 97 -5.78 -21.94 -34.48
N TRP B 98 -6.74 -21.31 -33.77
CA TRP B 98 -6.45 -20.06 -33.03
C TRP B 98 -5.37 -20.34 -31.97
N ALA B 99 -4.53 -19.34 -31.74
CA ALA B 99 -3.51 -19.26 -30.66
C ALA B 99 -4.11 -18.50 -29.48
N THR B 100 -5.15 -17.69 -29.73
CA THR B 100 -5.77 -16.80 -28.73
C THR B 100 -7.29 -16.82 -28.96
N VAL B 101 -8.05 -16.81 -27.85
CA VAL B 101 -9.53 -16.65 -27.86
C VAL B 101 -9.95 -15.53 -26.88
N PHE B 102 -10.93 -14.73 -27.33
CA PHE B 102 -11.61 -13.65 -26.58
C PHE B 102 -13.00 -14.18 -26.18
N SER B 103 -13.51 -13.65 -25.06
CA SER B 103 -14.81 -14.09 -24.53
C SER B 103 -15.80 -12.93 -24.59
N LEU B 104 -16.68 -12.83 -23.59
CA LEU B 104 -17.92 -12.02 -23.69
C LEU B 104 -17.57 -10.54 -23.89
N ASN B 105 -18.33 -9.93 -24.77
CA ASN B 105 -18.26 -8.50 -25.13
C ASN B 105 -19.11 -7.71 -24.14
N GLU B 106 -18.47 -7.00 -23.21
CA GLU B 106 -19.15 -6.00 -22.35
C GLU B 106 -20.34 -6.64 -21.60
N PRO B 107 -20.14 -7.81 -20.95
CA PRO B 107 -21.19 -8.38 -20.11
C PRO B 107 -21.50 -7.42 -18.94
N ASP B 108 -20.56 -6.58 -18.54
CA ASP B 108 -20.71 -5.58 -17.46
C ASP B 108 -21.88 -4.62 -17.75
N ILE B 109 -22.35 -4.46 -18.99
CA ILE B 109 -23.54 -3.60 -19.25
C ILE B 109 -24.60 -4.36 -20.03
N ASN B 110 -24.59 -5.69 -19.97
CA ASN B 110 -25.52 -6.48 -20.81
C ASN B 110 -26.31 -7.49 -19.96
N GLY B 111 -26.47 -7.22 -18.67
CA GLY B 111 -27.31 -8.01 -17.76
C GLY B 111 -26.74 -9.39 -17.49
N ILE B 112 -25.41 -9.56 -17.48
CA ILE B 112 -24.75 -10.84 -17.12
C ILE B 112 -24.04 -10.60 -15.79
N THR B 113 -24.37 -11.38 -14.79
CA THR B 113 -23.78 -11.15 -13.46
C THR B 113 -22.35 -11.64 -13.55
N PRO B 114 -21.46 -11.09 -12.72
CA PRO B 114 -20.13 -11.67 -12.58
C PRO B 114 -20.19 -13.18 -12.30
N ALA B 115 -21.14 -13.66 -11.51
CA ALA B 115 -21.15 -15.11 -11.17
C ALA B 115 -21.67 -15.93 -12.37
N GLU B 116 -22.61 -15.40 -13.16
CA GLU B 116 -23.07 -16.05 -14.40
C GLU B 116 -21.90 -16.14 -15.42
N ALA B 117 -21.09 -15.10 -15.52
CA ALA B 117 -19.95 -15.06 -16.48
C ALA B 117 -18.87 -16.06 -16.02
N ALA B 118 -18.56 -16.15 -14.74
CA ALA B 118 -17.52 -17.09 -14.26
C ALA B 118 -17.97 -18.51 -14.60
N SER B 119 -19.20 -18.88 -14.26
CA SER B 119 -19.70 -20.25 -14.41
C SER B 119 -19.64 -20.62 -15.91
N TRP B 120 -20.04 -19.67 -16.78
CA TRP B 120 -20.05 -19.87 -18.24
C TRP B 120 -18.60 -19.99 -18.75
N TYR B 121 -17.71 -19.15 -18.27
CA TYR B 121 -16.32 -19.14 -18.76
C TYR B 121 -15.70 -20.49 -18.48
N ILE B 122 -15.90 -20.97 -17.26
CA ILE B 122 -15.32 -22.26 -16.78
C ILE B 122 -15.87 -23.40 -17.65
N GLU B 123 -17.14 -23.36 -18.04
CA GLU B 123 -17.75 -24.42 -18.85
C GLU B 123 -17.19 -24.37 -20.29
N TRP B 124 -17.02 -23.19 -20.89
CA TRP B 124 -16.85 -23.11 -22.36
C TRP B 124 -15.48 -22.57 -22.81
N VAL B 125 -14.82 -21.69 -22.05
CA VAL B 125 -13.54 -21.05 -22.47
C VAL B 125 -12.37 -21.79 -21.82
N ASN B 126 -12.51 -22.12 -20.57
CA ASN B 126 -11.49 -22.89 -19.80
C ASN B 126 -10.94 -24.08 -20.61
N PRO B 127 -11.75 -24.92 -21.29
CA PRO B 127 -11.24 -26.11 -21.98
C PRO B 127 -10.30 -25.86 -23.17
N LEU B 128 -10.32 -24.66 -23.72
CA LEU B 128 -9.44 -24.30 -24.86
C LEU B 128 -8.01 -24.12 -24.34
N ALA B 129 -7.10 -25.03 -24.70
CA ALA B 129 -5.66 -24.99 -24.28
C ALA B 129 -4.89 -23.98 -25.16
N ILE B 130 -5.33 -22.73 -25.20
CA ILE B 130 -4.67 -21.61 -25.92
C ILE B 130 -4.67 -20.40 -24.98
N LYS B 131 -4.17 -19.26 -25.45
CA LYS B 131 -4.22 -17.99 -24.67
C LYS B 131 -5.67 -17.53 -24.60
N LYS B 132 -6.06 -17.13 -23.40
CA LYS B 132 -7.49 -16.87 -23.08
C LYS B 132 -7.61 -15.50 -22.42
N ALA B 133 -8.51 -14.66 -22.95
CA ALA B 133 -8.85 -13.35 -22.36
C ALA B 133 -10.17 -13.43 -21.59
N LEU B 134 -10.19 -12.87 -20.40
CA LEU B 134 -11.47 -12.60 -19.69
C LEU B 134 -12.30 -11.64 -20.54
N PRO B 135 -13.62 -11.58 -20.27
CA PRO B 135 -14.49 -10.73 -21.08
C PRO B 135 -14.05 -9.25 -21.13
N ALA B 136 -14.20 -8.64 -22.30
CA ALA B 136 -13.97 -7.20 -22.51
C ALA B 136 -14.96 -6.43 -21.62
N VAL B 137 -14.48 -5.55 -20.76
CA VAL B 137 -15.37 -4.67 -19.93
C VAL B 137 -15.23 -3.21 -20.37
N THR B 138 -16.29 -2.43 -20.16
CA THR B 138 -16.35 -0.99 -20.45
C THR B 138 -15.52 -0.22 -19.42
N SER B 139 -15.29 1.07 -19.70
CA SER B 139 -14.51 2.03 -18.86
C SER B 139 -15.40 2.67 -17.77
N SER B 140 -16.64 2.16 -17.59
CA SER B 140 -17.61 2.70 -16.61
C SER B 140 -17.03 2.63 -15.20
N THR B 141 -17.29 3.66 -14.38
CA THR B 141 -16.74 3.79 -13.01
C THR B 141 -17.82 3.36 -12.05
N THR B 142 -19.02 3.07 -12.56
CA THR B 142 -20.15 2.52 -11.79
C THR B 142 -19.72 1.20 -11.16
N SER B 143 -20.13 1.01 -9.90
CA SER B 143 -20.01 -0.26 -9.15
C SER B 143 -20.84 -1.34 -9.85
N GLY B 144 -20.26 -2.53 -9.95
CA GLY B 144 -20.86 -3.63 -10.74
C GLY B 144 -20.83 -3.40 -12.24
N GLN B 145 -20.09 -2.39 -12.72
CA GLN B 145 -19.72 -2.24 -14.15
C GLN B 145 -18.19 -2.10 -14.27
N GLY B 146 -17.67 -2.15 -15.53
CA GLY B 146 -16.25 -1.99 -15.86
C GLY B 146 -15.33 -2.83 -14.98
N LEU B 147 -14.24 -2.24 -14.48
CA LEU B 147 -13.24 -2.98 -13.67
C LEU B 147 -13.90 -3.46 -12.37
N SER B 148 -14.91 -2.74 -11.86
CA SER B 148 -15.72 -3.17 -10.70
C SER B 148 -16.29 -4.56 -11.02
N TRP B 149 -16.99 -4.68 -12.13
CA TRP B 149 -17.59 -5.96 -12.57
C TRP B 149 -16.52 -7.04 -12.76
N LEU B 150 -15.40 -6.69 -13.41
CA LEU B 150 -14.26 -7.61 -13.64
C LEU B 150 -13.71 -8.12 -12.30
N SER B 151 -13.52 -7.24 -11.34
CA SER B 151 -13.02 -7.64 -10.01
C SER B 151 -14.01 -8.67 -9.40
N GLU B 152 -15.33 -8.44 -9.57
CA GLU B 152 -16.38 -9.37 -9.05
C GLU B 152 -16.33 -10.70 -9.81
N MET B 153 -16.08 -10.65 -11.11
CA MET B 153 -15.97 -11.91 -11.89
C MET B 153 -14.79 -12.72 -11.34
N ILE B 154 -13.65 -12.09 -11.09
CA ILE B 154 -12.45 -12.89 -10.69
C ILE B 154 -12.68 -13.46 -9.28
N SER B 155 -13.29 -12.68 -8.42
CA SER B 155 -13.71 -13.14 -7.09
C SER B 155 -14.66 -14.34 -7.22
N ALA B 156 -15.70 -14.28 -8.07
CA ALA B 156 -16.64 -15.41 -8.32
C ALA B 156 -15.92 -16.64 -8.89
N CYS B 157 -14.97 -16.44 -9.83
CA CYS B 157 -14.04 -17.50 -10.34
C CYS B 157 -13.36 -18.21 -9.16
N ALA B 158 -12.89 -17.47 -8.14
CA ALA B 158 -12.25 -18.12 -6.96
C ALA B 158 -11.22 -19.12 -7.48
N GLY B 159 -10.35 -18.69 -8.40
CA GLY B 159 -9.15 -19.45 -8.82
C GLY B 159 -9.46 -20.50 -9.88
N ALA B 160 -10.71 -20.65 -10.31
CA ALA B 160 -11.13 -21.77 -11.19
C ALA B 160 -11.17 -21.28 -12.66
N CYS B 161 -11.14 -19.97 -12.90
CA CYS B 161 -11.06 -19.43 -14.29
C CYS B 161 -9.59 -19.37 -14.72
N TYR B 162 -9.24 -19.92 -15.87
CA TYR B 162 -7.84 -19.86 -16.39
C TYR B 162 -7.80 -18.84 -17.50
N PHE B 163 -7.00 -17.78 -17.30
CA PHE B 163 -6.90 -16.63 -18.24
C PHE B 163 -5.46 -16.13 -18.28
N ASP B 164 -5.07 -15.67 -19.47
CA ASP B 164 -3.76 -15.00 -19.66
C ASP B 164 -3.96 -13.49 -19.64
N TYR B 165 -5.11 -12.99 -20.09
CA TYR B 165 -5.28 -11.54 -20.32
C TYR B 165 -6.57 -11.07 -19.67
N ILE B 166 -6.54 -9.83 -19.19
CA ILE B 166 -7.74 -8.97 -18.99
C ILE B 166 -7.92 -8.16 -20.27
N ASN B 167 -9.16 -7.92 -20.67
CA ASN B 167 -9.56 -7.25 -21.93
C ASN B 167 -10.31 -5.96 -21.57
N LEU B 168 -9.76 -4.80 -21.99
CA LEU B 168 -10.35 -3.45 -21.79
C LEU B 168 -10.97 -2.88 -23.07
N HIS B 169 -12.11 -2.23 -22.91
CA HIS B 169 -12.62 -1.16 -23.79
C HIS B 169 -12.36 0.21 -23.16
N TRP B 170 -12.12 1.20 -23.99
CA TRP B 170 -12.13 2.60 -23.53
C TRP B 170 -12.67 3.47 -24.65
N TYR B 171 -13.67 4.28 -24.33
CA TYR B 171 -14.05 5.48 -25.13
C TYR B 171 -14.14 6.70 -24.21
N GLY B 172 -13.59 7.85 -24.63
CA GLY B 172 -13.65 9.04 -23.78
C GLY B 172 -13.17 10.23 -24.55
N THR B 173 -12.75 11.26 -23.84
CA THR B 173 -12.66 12.61 -24.47
C THR B 173 -11.23 13.07 -24.64
N SER B 174 -10.24 12.47 -23.99
CA SER B 174 -8.85 12.99 -24.13
C SER B 174 -7.85 11.86 -23.99
N PHE B 175 -6.68 12.09 -24.57
CA PHE B 175 -5.52 11.21 -24.36
C PHE B 175 -5.20 11.18 -22.86
N ALA B 176 -5.27 12.30 -22.17
CA ALA B 176 -4.94 12.36 -20.71
C ALA B 176 -5.80 11.35 -19.95
N GLU B 177 -7.08 11.30 -20.25
CA GLU B 177 -8.08 10.47 -19.52
C GLU B 177 -7.78 8.98 -19.85
N PHE B 178 -7.55 8.65 -21.12
CA PHE B 178 -7.16 7.28 -21.56
C PHE B 178 -5.90 6.85 -20.81
N GLN B 179 -4.90 7.72 -20.77
CA GLN B 179 -3.59 7.38 -20.15
C GLN B 179 -3.81 7.07 -18.67
N ALA B 180 -4.63 7.84 -17.98
CA ALA B 180 -4.90 7.67 -16.53
C ALA B 180 -5.66 6.37 -16.32
N TYR B 181 -6.60 6.07 -17.23
CA TYR B 181 -7.43 4.83 -17.17
C TYR B 181 -6.55 3.57 -17.27
N ILE B 182 -5.64 3.56 -18.26
CA ILE B 182 -4.77 2.37 -18.49
C ILE B 182 -3.89 2.26 -17.23
N GLU B 183 -3.34 3.37 -16.73
CA GLU B 183 -2.63 3.40 -15.42
C GLU B 183 -3.50 2.88 -14.27
N GLN B 184 -4.76 3.31 -14.15
CA GLN B 184 -5.68 2.84 -13.09
C GLN B 184 -5.84 1.31 -13.21
N ALA B 185 -6.20 0.80 -14.41
CA ALA B 185 -6.39 -0.64 -14.65
C ALA B 185 -5.13 -1.39 -14.24
N HIS B 186 -3.97 -0.87 -14.60
CA HIS B 186 -2.67 -1.52 -14.30
C HIS B 186 -2.51 -1.50 -12.78
N ASN B 187 -2.84 -0.40 -12.11
CA ASN B 187 -2.57 -0.26 -10.66
C ASN B 187 -3.50 -1.22 -9.87
N GLN B 188 -4.72 -1.45 -10.33
CA GLN B 188 -5.73 -2.36 -9.75
C GLN B 188 -5.43 -3.84 -10.09
N PHE B 189 -4.80 -4.13 -11.23
CA PHE B 189 -4.47 -5.50 -11.69
C PHE B 189 -2.99 -5.58 -12.04
N PRO B 190 -2.08 -5.28 -11.09
CA PRO B 190 -0.67 -5.08 -11.40
C PRO B 190 0.10 -6.29 -11.98
N SER B 191 -0.32 -7.52 -11.75
CA SER B 191 0.32 -8.74 -12.33
C SER B 191 -0.26 -9.16 -13.68
N TYR B 192 -1.34 -8.56 -14.15
CA TYR B 192 -2.07 -9.05 -15.34
C TYR B 192 -1.55 -8.35 -16.59
N THR B 193 -1.79 -9.03 -17.68
CA THR B 193 -1.41 -8.55 -19.02
C THR B 193 -2.68 -8.06 -19.68
N ILE B 194 -2.61 -6.92 -20.34
CA ILE B 194 -3.83 -6.27 -20.84
C ILE B 194 -3.85 -6.39 -22.34
N VAL B 195 -5.02 -6.65 -22.90
CA VAL B 195 -5.31 -6.41 -24.32
C VAL B 195 -6.43 -5.37 -24.34
N ILE B 196 -6.36 -4.43 -25.27
CA ILE B 196 -7.41 -3.40 -25.46
C ILE B 196 -8.11 -3.67 -26.79
N SER B 197 -9.29 -4.29 -26.71
CA SER B 197 -9.98 -4.83 -27.89
C SER B 197 -10.78 -3.76 -28.65
N GLU B 198 -11.14 -2.64 -27.98
CA GLU B 198 -11.79 -1.45 -28.59
C GLU B 198 -11.36 -0.16 -27.87
N PHE B 199 -10.89 0.85 -28.61
CA PHE B 199 -10.67 2.18 -28.03
C PHE B 199 -10.68 3.24 -29.13
N ALA B 200 -11.19 4.43 -28.76
CA ALA B 200 -11.36 5.63 -29.61
C ALA B 200 -11.82 6.78 -28.73
N LEU B 201 -11.68 8.02 -29.23
CA LEU B 201 -12.40 9.14 -28.63
C LEU B 201 -13.87 9.03 -29.00
N THR B 202 -14.75 9.61 -28.19
CA THR B 202 -16.18 9.71 -28.56
C THR B 202 -16.31 10.84 -29.57
N ASN B 203 -17.47 10.93 -30.18
CA ASN B 203 -17.74 11.84 -31.30
C ASN B 203 -17.42 13.28 -30.85
N GLY B 204 -16.73 14.00 -31.73
CA GLY B 204 -16.29 15.39 -31.55
C GLY B 204 -14.82 15.45 -31.21
N GLY B 205 -14.16 14.35 -30.92
CA GLY B 205 -12.70 14.34 -30.68
C GLY B 205 -11.86 14.33 -31.96
N ASN B 206 -10.61 14.78 -31.87
CA ASN B 206 -9.59 14.68 -32.93
C ASN B 206 -8.96 13.29 -32.80
N GLN B 207 -9.45 12.34 -33.59
CA GLN B 207 -9.08 10.89 -33.49
C GLN B 207 -7.60 10.75 -33.89
N VAL B 208 -7.13 11.44 -34.90
CA VAL B 208 -5.70 11.34 -35.35
C VAL B 208 -4.76 11.73 -34.21
N ALA B 209 -4.96 12.88 -33.60
CA ALA B 209 -4.08 13.35 -32.49
C ALA B 209 -4.12 12.35 -31.31
N PHE B 210 -5.30 11.83 -31.02
CA PHE B 210 -5.49 10.80 -29.97
C PHE B 210 -4.61 9.59 -30.27
N PHE B 211 -4.80 8.96 -31.43
CA PHE B 211 -4.06 7.73 -31.77
C PHE B 211 -2.56 8.01 -31.95
N GLU B 212 -2.16 9.20 -32.41
CA GLU B 212 -0.72 9.55 -32.54
C GLU B 212 -0.08 9.53 -31.15
N SER B 213 -0.82 9.99 -30.15
CA SER B 213 -0.38 9.92 -28.73
C SER B 213 -0.55 8.50 -28.20
N ALA B 214 -1.67 7.82 -28.48
CA ALA B 214 -1.97 6.51 -27.85
C ALA B 214 -0.94 5.45 -28.28
N PHE B 215 -0.53 5.39 -29.54
CA PHE B 215 0.19 4.18 -30.05
C PHE B 215 1.56 4.10 -29.39
N PRO B 216 2.39 5.17 -29.38
CA PRO B 216 3.67 5.12 -28.68
C PRO B 216 3.55 4.86 -27.18
N PHE B 217 2.53 5.45 -26.54
CA PHE B 217 2.22 5.20 -25.10
C PHE B 217 2.04 3.68 -24.90
N LEU B 218 1.21 3.02 -25.70
CA LEU B 218 0.86 1.59 -25.51
C LEU B 218 2.03 0.65 -25.90
N ASP B 219 2.78 1.02 -26.94
CA ASP B 219 4.00 0.33 -27.41
C ASP B 219 5.01 0.32 -26.26
N GLY B 220 5.03 1.29 -25.39
CA GLY B 220 6.08 1.33 -24.34
C GLY B 220 5.64 0.65 -23.08
N LEU B 221 4.37 0.28 -22.97
CA LEU B 221 3.85 -0.39 -21.75
C LEU B 221 4.09 -1.91 -21.88
N SER B 222 4.99 -2.45 -21.11
CA SER B 222 5.36 -3.88 -21.21
C SER B 222 4.21 -4.79 -20.74
N TYR B 223 3.21 -4.29 -20.01
CA TYR B 223 2.06 -5.14 -19.60
C TYR B 223 0.93 -5.03 -20.62
N VAL B 224 1.07 -4.30 -21.71
CA VAL B 224 0.00 -4.26 -22.77
C VAL B 224 0.49 -5.11 -23.94
N LEU B 225 -0.25 -6.13 -24.33
CA LEU B 225 0.19 -7.08 -25.37
C LEU B 225 -0.35 -6.64 -26.70
N LEU B 226 -1.64 -6.35 -26.74
CA LEU B 226 -2.34 -6.04 -28.02
C LEU B 226 -3.26 -4.85 -27.81
N TYR B 227 -3.50 -4.10 -28.87
CA TYR B 227 -4.45 -2.98 -28.89
C TYR B 227 -5.06 -2.89 -30.28
N PHE B 228 -6.36 -2.63 -30.29
CA PHE B 228 -7.23 -2.59 -31.50
C PHE B 228 -8.07 -1.31 -31.52
N PRO B 229 -7.66 -0.30 -32.32
CA PRO B 229 -8.47 0.90 -32.47
C PRO B 229 -9.88 0.44 -32.85
N PHE B 230 -10.89 1.07 -32.29
CA PHE B 230 -12.26 1.01 -32.87
C PHE B 230 -12.30 2.08 -33.95
N VAL B 231 -12.32 1.73 -35.24
CA VAL B 231 -12.66 0.44 -35.82
C VAL B 231 -11.98 0.27 -37.20
N ALA B 232 -11.72 -0.97 -37.59
CA ALA B 232 -11.06 -1.26 -38.86
C ALA B 232 -12.13 -1.44 -39.95
N THR B 233 -12.76 -0.33 -40.35
CA THR B 233 -13.75 -0.26 -41.45
C THR B 233 -13.74 1.17 -42.01
N SER B 234 -14.56 1.39 -43.05
CA SER B 234 -14.74 2.69 -43.73
C SER B 234 -15.93 3.40 -43.12
N PRO B 235 -15.98 4.73 -43.27
CA PRO B 235 -17.10 5.51 -42.77
C PRO B 235 -18.42 5.04 -43.39
N ALA B 236 -18.42 4.72 -44.68
CA ALA B 236 -19.69 4.36 -45.36
C ALA B 236 -20.21 3.05 -44.80
N LEU B 237 -19.31 2.10 -44.52
CA LEU B 237 -19.78 0.79 -44.01
C LEU B 237 -20.28 0.95 -42.57
N LEU B 238 -19.59 1.75 -41.77
CA LEU B 238 -20.01 2.02 -40.36
C LEU B 238 -21.40 2.66 -40.37
N GLN B 239 -21.58 3.67 -41.21
CA GLN B 239 -22.87 4.42 -41.35
C GLN B 239 -23.97 3.43 -41.75
N ALA B 240 -23.70 2.54 -42.71
CA ALA B 240 -24.72 1.62 -43.29
C ALA B 240 -25.11 0.56 -42.26
N ASN B 241 -24.20 0.17 -41.40
CA ASN B 241 -24.30 -1.15 -40.72
C ASN B 241 -24.27 -1.01 -39.19
N ASP B 242 -23.73 0.11 -38.68
CA ASP B 242 -23.59 0.33 -37.22
C ASP B 242 -23.88 1.79 -36.89
N PRO B 243 -25.11 2.29 -37.18
CA PRO B 243 -25.40 3.70 -37.05
C PRO B 243 -25.32 4.12 -35.58
N GLY B 244 -25.56 3.21 -34.64
CA GLY B 244 -25.40 3.52 -33.21
C GLY B 244 -23.96 3.85 -32.86
N ALA B 245 -22.99 3.21 -33.55
CA ALA B 245 -21.55 3.50 -33.41
C ALA B 245 -21.30 4.92 -33.95
N VAL B 246 -22.00 5.27 -35.00
CA VAL B 246 -21.80 6.58 -35.69
C VAL B 246 -22.22 7.75 -34.78
N THR B 247 -23.18 7.59 -33.89
CA THR B 247 -23.60 8.66 -32.95
C THR B 247 -22.57 8.78 -31.82
N THR B 248 -22.13 7.63 -31.27
CA THR B 248 -21.28 7.63 -30.05
CA THR B 248 -21.26 7.57 -30.06
C THR B 248 -19.83 7.99 -30.43
N VAL B 249 -19.35 7.52 -31.57
CA VAL B 249 -17.93 7.64 -31.92
C VAL B 249 -17.76 8.61 -33.08
N GLY B 250 -18.76 8.71 -33.98
CA GLY B 250 -18.56 9.35 -35.31
C GLY B 250 -17.69 8.44 -36.17
N THR B 251 -17.28 8.89 -37.37
CA THR B 251 -16.52 8.11 -38.41
C THR B 251 -15.07 8.55 -38.46
N GLY B 252 -14.63 9.40 -37.55
CA GLY B 252 -13.22 9.89 -37.57
C GLY B 252 -12.17 8.85 -37.19
N SER B 253 -12.58 7.74 -36.55
CA SER B 253 -11.69 6.64 -36.10
C SER B 253 -11.64 5.45 -37.08
N CYS B 254 -12.42 5.47 -38.16
CA CYS B 254 -12.40 4.48 -39.24
C CYS B 254 -10.98 4.40 -39.81
N LEU B 255 -10.41 3.19 -39.91
CA LEU B 255 -9.01 2.97 -40.37
C LEU B 255 -8.98 3.00 -41.90
N TYR B 256 -10.13 2.87 -42.55
CA TYR B 256 -10.23 2.82 -44.03
C TYR B 256 -10.93 4.07 -44.59
N THR B 257 -10.52 4.49 -45.81
CA THR B 257 -11.28 5.45 -46.64
C THR B 257 -12.37 4.65 -47.34
N ASN B 258 -13.44 5.31 -47.79
CA ASN B 258 -14.56 4.60 -48.47
C ASN B 258 -14.03 3.86 -49.70
N ALA B 259 -12.88 4.27 -50.25
CA ALA B 259 -12.25 3.65 -51.43
C ALA B 259 -11.45 2.39 -51.04
N GLY B 260 -11.23 2.13 -49.76
CA GLY B 260 -10.62 0.86 -49.29
C GLY B 260 -9.16 1.01 -49.00
N GLY B 261 -8.64 2.24 -48.98
CA GLY B 261 -7.24 2.52 -48.63
C GLY B 261 -7.15 2.93 -47.17
N PRO B 262 -5.95 3.16 -46.64
CA PRO B 262 -5.81 3.64 -45.29
C PRO B 262 -6.27 5.11 -45.14
N SER B 263 -7.11 5.37 -44.13
CA SER B 263 -7.49 6.73 -43.69
C SER B 263 -6.28 7.39 -43.04
N SER B 264 -6.40 8.61 -42.58
CA SER B 264 -5.29 9.22 -41.78
C SER B 264 -5.03 8.40 -40.50
N VAL B 265 -6.06 7.81 -39.90
CA VAL B 265 -5.86 6.95 -38.68
C VAL B 265 -5.22 5.63 -39.14
N GLY B 266 -5.73 5.03 -40.21
CA GLY B 266 -5.15 3.82 -40.81
C GLY B 266 -3.64 3.96 -41.06
N ASN B 267 -3.19 5.12 -41.54
CA ASN B 267 -1.77 5.35 -41.91
C ASN B 267 -0.93 5.30 -40.64
N LEU B 268 -1.53 5.49 -39.45
CA LEU B 268 -0.82 5.41 -38.15
C LEU B 268 -0.45 3.95 -37.81
N MET B 269 -1.17 2.98 -38.40
CA MET B 269 -1.02 1.53 -38.08
C MET B 269 0.37 1.01 -38.55
N TYR B 270 0.93 1.50 -39.67
CA TYR B 270 2.20 1.01 -40.27
C TYR B 270 3.36 1.22 -39.29
N ALA C 22 22.09 31.06 4.20
CA ALA C 22 21.90 29.94 3.21
C ALA C 22 23.05 29.95 2.21
N SER C 23 23.78 28.85 2.18
CA SER C 23 24.80 28.50 1.15
C SER C 23 24.18 28.43 -0.26
N GLY C 24 22.86 28.21 -0.39
CA GLY C 24 22.24 27.99 -1.71
C GLY C 24 20.73 28.03 -1.67
N LYS C 25 20.12 27.93 -2.85
CA LYS C 25 18.66 28.03 -3.03
C LYS C 25 18.03 26.81 -3.69
N ARG C 26 18.82 25.83 -4.09
CA ARG C 26 18.24 24.77 -4.96
C ARG C 26 17.69 23.62 -4.10
N GLY C 27 16.66 22.97 -4.60
CA GLY C 27 16.09 21.84 -3.87
C GLY C 27 15.68 20.69 -4.77
N LEU C 28 15.48 19.54 -4.14
CA LEU C 28 15.02 18.31 -4.83
C LEU C 28 13.53 18.18 -4.60
N ALA C 29 12.76 18.17 -5.69
CA ALA C 29 11.36 17.76 -5.76
C ALA C 29 11.35 16.24 -5.98
N TRP C 30 11.08 15.49 -4.90
CA TRP C 30 11.45 14.07 -4.70
C TRP C 30 10.18 13.21 -4.57
N PRO C 31 9.74 12.54 -5.66
CA PRO C 31 8.49 11.77 -5.60
C PRO C 31 8.52 10.57 -4.63
N TRP C 32 7.30 10.14 -4.30
CA TRP C 32 7.00 9.04 -3.37
C TRP C 32 7.67 7.75 -3.85
N TYR C 33 7.93 7.65 -5.15
CA TYR C 33 8.36 6.37 -5.81
C TYR C 33 9.87 6.29 -5.92
N ASN C 34 10.60 7.15 -5.22
CA ASN C 34 12.05 7.33 -5.44
C ASN C 34 12.90 6.50 -4.49
N SER C 35 12.40 5.40 -3.92
CA SER C 35 13.20 4.55 -3.02
C SER C 35 14.50 4.00 -3.68
N PRO C 36 14.60 3.82 -5.03
CA PRO C 36 15.88 3.45 -5.63
C PRO C 36 17.00 4.51 -5.68
N LEU C 37 16.69 5.77 -5.43
CA LEU C 37 17.60 6.91 -5.70
C LEU C 37 18.15 7.49 -4.40
N ASP C 38 19.28 8.16 -4.51
CA ASP C 38 20.06 8.71 -3.37
C ASP C 38 20.18 10.23 -3.56
N PRO C 39 19.52 11.05 -2.69
CA PRO C 39 19.59 12.50 -2.79
C PRO C 39 21.02 13.03 -2.66
N GLY C 40 21.86 12.31 -1.93
CA GLY C 40 23.30 12.58 -1.76
C GLY C 40 24.06 12.75 -3.07
N VAL C 41 23.61 12.07 -4.13
CA VAL C 41 24.25 12.17 -5.48
C VAL C 41 24.33 13.65 -5.89
N LEU C 42 23.29 14.41 -5.59
CA LEU C 42 23.21 15.84 -5.99
C LEU C 42 23.68 16.79 -4.88
N ASN C 43 24.35 16.29 -3.84
CA ASN C 43 25.00 17.11 -2.78
C ASN C 43 26.50 16.88 -2.85
N ASN C 44 27.27 17.80 -3.42
CA ASN C 44 28.74 17.64 -3.55
C ASN C 44 29.50 18.45 -2.49
N GLY C 45 28.84 18.88 -1.43
CA GLY C 45 29.48 19.64 -0.34
C GLY C 45 29.72 21.11 -0.67
N ASP C 46 29.23 21.64 -1.81
CA ASP C 46 29.43 23.06 -2.21
C ASP C 46 28.20 23.90 -1.86
N GLY C 47 27.15 23.32 -1.27
CA GLY C 47 26.12 24.11 -0.58
C GLY C 47 25.06 24.65 -1.53
N GLU C 48 25.08 24.34 -2.83
CA GLU C 48 24.06 24.97 -3.73
C GLU C 48 22.67 24.36 -3.47
N VAL C 49 22.66 23.07 -3.15
CA VAL C 49 21.43 22.25 -2.95
C VAL C 49 21.24 22.14 -1.44
N VAL C 50 20.10 22.58 -0.93
CA VAL C 50 19.89 22.77 0.53
C VAL C 50 18.63 22.02 0.99
N ALA C 51 17.70 21.70 0.10
CA ALA C 51 16.35 21.27 0.53
C ALA C 51 15.81 20.12 -0.31
N ILE C 52 14.84 19.42 0.28
CA ILE C 52 14.14 18.30 -0.37
C ILE C 52 12.70 18.33 0.16
N TYR C 53 11.72 18.05 -0.70
CA TYR C 53 10.29 17.89 -0.35
C TYR C 53 9.72 16.78 -1.23
N ASP C 54 8.70 16.09 -0.75
CA ASP C 54 8.22 14.89 -1.44
C ASP C 54 6.69 14.96 -1.60
N TRP C 55 6.10 16.16 -1.57
CA TRP C 55 4.63 16.40 -1.63
C TRP C 55 3.86 15.75 -0.46
N GLU C 56 4.54 15.33 0.60
CA GLU C 56 3.86 14.57 1.70
C GLU C 56 4.48 14.99 3.03
N THR C 57 3.97 14.47 4.15
CA THR C 57 4.53 14.83 5.49
C THR C 57 5.34 13.67 6.10
N TYR C 58 5.56 12.60 5.32
CA TYR C 58 6.40 11.43 5.69
C TYR C 58 7.76 11.60 5.02
N ALA C 59 8.81 11.03 5.61
CA ALA C 59 10.19 11.26 5.15
C ALA C 59 10.38 10.71 3.75
N PRO C 60 11.21 11.38 2.92
CA PRO C 60 11.52 10.94 1.57
C PRO C 60 11.95 9.47 1.53
N PRO C 61 11.29 8.64 0.68
CA PRO C 61 11.73 7.26 0.43
C PRO C 61 13.04 7.31 -0.38
N THR C 62 14.16 6.84 0.17
CA THR C 62 15.48 6.87 -0.51
C THR C 62 16.21 5.52 -0.40
N SER C 63 17.24 5.32 -1.20
CA SER C 63 18.10 4.13 -1.15
C SER C 63 19.00 4.15 0.10
N THR C 64 19.10 5.26 0.84
CA THR C 64 20.01 5.36 2.01
C THR C 64 19.29 5.41 3.36
N GLY C 65 17.97 5.60 3.39
CA GLY C 65 17.22 5.92 4.63
C GLY C 65 17.38 7.37 5.10
N GLY C 66 18.16 8.22 4.42
CA GLY C 66 18.40 9.63 4.78
C GLY C 66 18.09 10.57 3.59
N THR C 67 18.50 11.83 3.70
CA THR C 67 18.20 12.88 2.69
C THR C 67 19.49 13.50 2.15
N GLY C 68 20.63 12.81 2.19
CA GLY C 68 21.88 13.29 1.57
C GLY C 68 22.37 14.63 2.13
N GLY C 69 22.09 14.88 3.41
CA GLY C 69 22.49 16.11 4.12
C GLY C 69 21.46 17.21 3.95
N LEU C 70 20.43 17.02 3.11
CA LEU C 70 19.50 18.11 2.77
C LEU C 70 18.39 18.23 3.82
N GLY C 71 17.87 19.45 4.01
CA GLY C 71 16.77 19.77 4.93
C GLY C 71 15.46 19.36 4.32
N PHE C 72 14.70 18.54 5.03
CA PHE C 72 13.42 18.03 4.51
C PHE C 72 12.36 19.07 4.89
N ILE C 73 11.57 19.46 3.89
CA ILE C 73 10.38 20.36 4.03
C ILE C 73 9.12 19.49 3.93
N GLY C 74 8.36 19.36 5.02
CA GLY C 74 7.11 18.60 5.05
C GLY C 74 6.14 19.30 4.13
N MET C 75 5.18 18.60 3.56
CA MET C 75 4.17 19.27 2.73
C MET C 75 2.79 18.64 2.93
N GLN C 76 1.83 19.47 3.35
CA GLN C 76 0.41 19.10 3.45
C GLN C 76 -0.22 19.51 2.11
N GLY C 77 -0.04 18.69 1.09
CA GLY C 77 -0.41 19.01 -0.31
C GLY C 77 -1.90 18.91 -0.57
N THR C 78 -2.64 18.18 0.26
CA THR C 78 -4.13 18.08 0.20
C THR C 78 -4.69 18.36 1.61
N MET C 79 -5.97 18.66 1.69
CA MET C 79 -6.61 19.10 2.95
C MET C 79 -6.64 17.91 3.93
N ASP C 80 -6.55 16.70 3.40
CA ASP C 80 -6.39 15.45 4.17
C ASP C 80 -6.19 14.27 3.24
N SER C 81 -5.28 13.35 3.59
CA SER C 81 -5.11 12.09 2.81
C SER C 81 -4.71 10.98 3.76
N ASP C 82 -4.78 9.71 3.32
CA ASP C 82 -4.31 8.55 4.13
C ASP C 82 -2.79 8.65 4.38
N SER C 83 -2.02 9.04 3.38
CA SER C 83 -0.52 9.12 3.47
C SER C 83 -0.07 10.33 4.30
N SER C 84 -0.79 11.46 4.18
CA SER C 84 -0.55 12.69 4.99
C SER C 84 -1.86 13.16 5.64
N PRO C 85 -2.33 12.47 6.73
CA PRO C 85 -3.55 12.87 7.44
C PRO C 85 -3.26 14.21 8.12
N VAL C 86 -4.11 15.20 7.91
CA VAL C 86 -3.82 16.57 8.42
C VAL C 86 -3.83 16.54 9.96
N ALA C 87 -4.53 15.57 10.57
CA ALA C 87 -4.52 15.41 12.05
C ALA C 87 -3.09 15.08 12.53
N GLN C 88 -2.21 14.63 11.63
CA GLN C 88 -0.81 14.23 11.98
C GLN C 88 0.20 15.32 11.63
N LEU C 89 -0.23 16.45 11.05
CA LEU C 89 0.74 17.48 10.54
C LEU C 89 1.60 18.02 11.70
N ALA C 90 0.98 18.44 12.81
CA ALA C 90 1.69 19.05 13.97
C ALA C 90 2.64 18.00 14.57
N THR C 91 2.22 16.77 14.75
CA THR C 91 3.06 15.67 15.28
C THR C 91 4.26 15.41 14.36
N ARG C 92 3.98 15.25 13.07
CA ARG C 92 5.10 14.92 12.15
C ARG C 92 6.06 16.10 12.10
N GLN C 93 5.56 17.34 12.05
CA GLN C 93 6.48 18.49 12.01
C GLN C 93 7.45 18.39 13.20
N ALA C 94 6.96 18.15 14.41
CA ALA C 94 7.79 18.27 15.64
C ALA C 94 8.73 17.09 15.74
N GLN C 95 8.26 15.88 15.44
CA GLN C 95 9.07 14.62 15.45
C GLN C 95 10.21 14.69 14.42
N GLN C 96 9.93 15.15 13.20
CA GLN C 96 10.94 15.20 12.13
C GLN C 96 11.76 16.49 12.24
N GLY C 97 11.26 17.53 12.92
CA GLY C 97 12.03 18.78 13.12
C GLY C 97 12.13 19.61 11.84
N TRP C 98 11.11 19.66 10.98
CA TRP C 98 11.15 20.55 9.78
C TRP C 98 11.40 22.01 10.18
N ALA C 99 12.19 22.73 9.39
CA ALA C 99 12.35 24.20 9.54
C ALA C 99 11.28 24.91 8.70
N THR C 100 10.73 24.23 7.69
CA THR C 100 9.77 24.79 6.70
C THR C 100 8.65 23.79 6.45
N VAL C 101 7.48 24.27 6.11
CA VAL C 101 6.36 23.39 5.74
C VAL C 101 5.68 24.03 4.55
N PHE C 102 5.30 23.22 3.59
CA PHE C 102 4.53 23.68 2.41
C PHE C 102 3.09 23.22 2.60
N SER C 103 2.18 23.92 1.95
CA SER C 103 0.73 23.64 2.04
C SER C 103 0.20 23.11 0.71
N LEU C 104 -1.06 23.40 0.39
CA LEU C 104 -1.83 22.68 -0.63
C LEU C 104 -1.15 22.75 -2.01
N ASN C 105 -1.27 21.71 -2.81
CA ASN C 105 -0.68 21.66 -4.17
C ASN C 105 -1.74 22.06 -5.17
N GLU C 106 -1.59 23.23 -5.81
CA GLU C 106 -2.43 23.64 -6.96
C GLU C 106 -3.90 23.62 -6.63
N PRO C 107 -4.33 24.19 -5.47
CA PRO C 107 -5.76 24.26 -5.17
C PRO C 107 -6.54 25.05 -6.23
N ASP C 108 -5.83 25.94 -6.94
CA ASP C 108 -6.38 26.84 -7.97
C ASP C 108 -6.96 26.06 -9.15
N ILE C 109 -6.56 24.81 -9.36
CA ILE C 109 -7.15 24.00 -10.46
C ILE C 109 -7.76 22.72 -9.91
N ASN C 110 -8.03 22.58 -8.59
CA ASN C 110 -8.58 21.34 -7.98
C ASN C 110 -9.94 21.62 -7.28
N GLY C 111 -10.63 22.68 -7.71
CA GLY C 111 -11.96 23.15 -7.22
C GLY C 111 -11.96 23.58 -5.77
N ILE C 112 -10.83 24.00 -5.20
CA ILE C 112 -10.80 24.47 -3.79
C ILE C 112 -10.91 25.99 -3.82
N THR C 113 -11.94 26.59 -3.20
CA THR C 113 -12.09 28.06 -3.22
C THR C 113 -11.01 28.68 -2.32
N PRO C 114 -10.64 29.93 -2.65
CA PRO C 114 -9.72 30.70 -1.82
C PRO C 114 -10.19 30.78 -0.37
N ALA C 115 -11.49 30.98 -0.15
CA ALA C 115 -12.07 31.13 1.21
C ALA C 115 -11.85 29.81 1.98
N GLU C 116 -12.15 28.68 1.34
CA GLU C 116 -11.96 27.31 1.87
C GLU C 116 -10.49 27.10 2.26
N ALA C 117 -9.60 27.43 1.35
CA ALA C 117 -8.15 27.28 1.60
C ALA C 117 -7.78 28.12 2.79
N ALA C 118 -8.23 29.37 2.82
CA ALA C 118 -7.85 30.30 3.92
C ALA C 118 -8.28 29.68 5.27
N SER C 119 -9.54 29.27 5.39
CA SER C 119 -10.09 28.72 6.65
C SER C 119 -9.33 27.47 7.09
N TRP C 120 -9.06 26.59 6.15
CA TRP C 120 -8.28 25.35 6.37
C TRP C 120 -6.87 25.70 6.83
N TYR C 121 -6.24 26.64 6.14
CA TYR C 121 -4.84 27.03 6.42
C TYR C 121 -4.74 27.55 7.88
N ILE C 122 -5.68 28.42 8.26
CA ILE C 122 -5.64 29.06 9.61
C ILE C 122 -5.81 27.97 10.68
N GLU C 123 -6.64 26.99 10.39
CA GLU C 123 -6.90 25.92 11.35
C GLU C 123 -5.65 25.01 11.49
N TRP C 124 -5.06 24.56 10.39
CA TRP C 124 -4.10 23.41 10.41
C TRP C 124 -2.62 23.81 10.23
N VAL C 125 -2.34 24.87 9.47
CA VAL C 125 -0.93 25.26 9.17
C VAL C 125 -0.47 26.35 10.15
N ASN C 126 -1.30 27.36 10.39
CA ASN C 126 -0.97 28.50 11.29
C ASN C 126 -0.23 28.01 12.54
N PRO C 127 -0.67 26.95 13.25
CA PRO C 127 -0.06 26.63 14.54
C PRO C 127 1.38 26.13 14.42
N LEU C 128 1.84 25.68 13.25
CA LEU C 128 3.24 25.21 13.10
C LEU C 128 4.18 26.42 13.24
N ALA C 129 5.01 26.42 14.29
CA ALA C 129 5.86 27.56 14.70
C ALA C 129 7.18 27.47 13.93
N ILE C 130 7.07 27.37 12.59
CA ILE C 130 8.20 27.28 11.67
C ILE C 130 7.85 28.13 10.45
N LYS C 131 8.73 28.16 9.46
CA LYS C 131 8.50 28.88 8.18
C LYS C 131 7.39 28.16 7.40
N LYS C 132 6.51 28.91 6.78
CA LYS C 132 5.25 28.41 6.19
C LYS C 132 5.10 29.01 4.81
N ALA C 133 4.68 28.23 3.83
CA ALA C 133 4.38 28.74 2.48
C ALA C 133 2.88 28.60 2.24
N LEU C 134 2.28 29.60 1.65
CA LEU C 134 0.90 29.44 1.11
C LEU C 134 0.92 28.41 -0.02
N PRO C 135 -0.28 27.95 -0.42
CA PRO C 135 -0.41 26.93 -1.44
C PRO C 135 0.33 27.30 -2.73
N ALA C 136 0.99 26.29 -3.29
CA ALA C 136 1.58 26.38 -4.64
C ALA C 136 0.44 26.63 -5.62
N VAL C 137 0.56 27.68 -6.44
CA VAL C 137 -0.45 27.90 -7.49
C VAL C 137 0.24 27.73 -8.84
N THR C 138 -0.60 27.38 -9.81
CA THR C 138 -0.16 27.21 -11.21
C THR C 138 0.08 28.59 -11.85
N SER C 139 0.71 28.61 -13.02
CA SER C 139 1.01 29.84 -13.80
C SER C 139 -0.19 30.26 -14.68
N SER C 140 -1.37 29.69 -14.44
CA SER C 140 -2.61 30.07 -15.16
C SER C 140 -2.89 31.58 -15.06
N THR C 141 -3.40 32.19 -16.14
CA THR C 141 -3.77 33.64 -16.10
C THR C 141 -5.28 33.80 -16.03
N THR C 142 -6.08 32.72 -16.11
CA THR C 142 -7.55 32.76 -15.84
C THR C 142 -7.84 33.38 -14.46
N SER C 143 -8.95 34.10 -14.31
CA SER C 143 -9.31 34.69 -12.99
C SER C 143 -9.82 33.54 -12.14
N GLY C 144 -9.54 33.53 -10.84
CA GLY C 144 -9.85 32.36 -9.99
C GLY C 144 -8.83 31.23 -10.11
N GLN C 145 -7.83 31.35 -10.99
CA GLN C 145 -6.72 30.38 -11.06
C GLN C 145 -5.40 31.14 -10.82
N GLY C 146 -4.31 30.42 -10.60
CA GLY C 146 -2.96 31.03 -10.59
C GLY C 146 -2.85 32.17 -9.59
N LEU C 147 -2.17 33.25 -9.95
CA LEU C 147 -1.92 34.40 -9.04
C LEU C 147 -3.25 35.05 -8.67
N SER C 148 -4.26 34.96 -9.54
CA SER C 148 -5.60 35.53 -9.26
C SER C 148 -6.20 34.76 -8.09
N TRP C 149 -6.12 33.43 -8.14
CA TRP C 149 -6.53 32.59 -6.99
C TRP C 149 -5.74 33.00 -5.73
N LEU C 150 -4.41 33.10 -5.83
CA LEU C 150 -3.57 33.42 -4.64
C LEU C 150 -4.02 34.75 -4.02
N SER C 151 -4.12 35.78 -4.86
CA SER C 151 -4.69 37.10 -4.55
C SER C 151 -5.98 36.96 -3.72
N GLU C 152 -6.94 36.19 -4.23
CA GLU C 152 -8.23 35.98 -3.56
C GLU C 152 -7.99 35.28 -2.21
N MET C 153 -7.09 34.29 -2.13
CA MET C 153 -6.86 33.59 -0.84
C MET C 153 -6.31 34.62 0.16
N ILE C 154 -5.40 35.46 -0.26
CA ILE C 154 -4.75 36.43 0.67
C ILE C 154 -5.80 37.45 1.17
N SER C 155 -6.68 37.92 0.29
CA SER C 155 -7.87 38.74 0.66
C SER C 155 -8.70 37.99 1.71
N ALA C 156 -9.09 36.73 1.49
CA ALA C 156 -9.92 35.92 2.41
C ALA C 156 -9.20 35.74 3.77
N CYS C 157 -7.89 35.55 3.79
CA CYS C 157 -7.08 35.42 5.02
C CYS C 157 -7.32 36.63 5.95
N ALA C 158 -7.39 37.81 5.33
CA ALA C 158 -7.68 39.09 6.03
C ALA C 158 -6.66 39.23 7.18
N GLY C 159 -5.38 39.05 6.90
CA GLY C 159 -4.30 39.18 7.91
C GLY C 159 -4.20 38.00 8.87
N ALA C 160 -5.17 37.07 8.84
CA ALA C 160 -5.23 36.00 9.87
C ALA C 160 -4.37 34.78 9.50
N CYS C 161 -3.96 34.57 8.23
CA CYS C 161 -3.14 33.41 7.80
C CYS C 161 -1.68 33.76 8.07
N TYR C 162 -1.00 32.99 8.88
CA TYR C 162 0.46 33.21 9.14
C TYR C 162 1.31 32.47 8.08
N PHE C 163 2.10 33.18 7.28
CA PHE C 163 2.92 32.63 6.18
C PHE C 163 4.14 33.50 6.01
N ASP C 164 5.22 32.89 5.52
CA ASP C 164 6.48 33.56 5.10
C ASP C 164 6.59 33.63 3.57
N TYR C 165 6.09 32.64 2.84
CA TYR C 165 6.43 32.50 1.41
C TYR C 165 5.14 32.36 0.61
N ILE C 166 5.18 32.83 -0.61
CA ILE C 166 4.23 32.37 -1.66
C ILE C 166 4.98 31.36 -2.51
N ASN C 167 4.23 30.47 -3.14
CA ASN C 167 4.80 29.22 -3.70
C ASN C 167 4.32 29.13 -5.12
N LEU C 168 5.24 29.15 -6.08
CA LEU C 168 4.86 29.18 -7.50
C LEU C 168 5.22 27.87 -8.20
N HIS C 169 4.36 27.54 -9.14
CA HIS C 169 4.64 26.53 -10.19
C HIS C 169 4.78 27.29 -11.49
N TRP C 170 5.64 26.80 -12.39
CA TRP C 170 5.66 27.32 -13.77
C TRP C 170 6.07 26.21 -14.73
N TYR C 171 5.26 26.03 -15.78
CA TYR C 171 5.66 25.32 -17.01
C TYR C 171 5.30 26.21 -18.21
N GLY C 172 6.18 26.29 -19.21
CA GLY C 172 5.90 26.94 -20.51
C GLY C 172 7.05 26.70 -21.45
N THR C 173 7.24 27.55 -22.46
CA THR C 173 8.03 27.18 -23.66
C THR C 173 9.34 27.96 -23.75
N SER C 174 9.58 28.99 -22.94
CA SER C 174 10.85 29.78 -23.05
C SER C 174 11.32 30.30 -21.69
N PHE C 175 12.62 30.52 -21.57
CA PHE C 175 13.23 31.22 -20.43
C PHE C 175 12.68 32.64 -20.35
N ALA C 176 12.56 33.33 -21.49
CA ALA C 176 11.99 34.70 -21.56
C ALA C 176 10.59 34.73 -20.89
N GLU C 177 9.72 33.77 -21.20
CA GLU C 177 8.36 33.62 -20.62
C GLU C 177 8.49 33.36 -19.11
N PHE C 178 9.43 32.54 -18.70
CA PHE C 178 9.67 32.25 -17.28
C PHE C 178 10.06 33.56 -16.58
N GLN C 179 11.07 34.26 -17.10
CA GLN C 179 11.58 35.47 -16.43
C GLN C 179 10.43 36.48 -16.32
N ALA C 180 9.65 36.69 -17.39
CA ALA C 180 8.47 37.59 -17.35
C ALA C 180 7.47 37.15 -16.27
N TYR C 181 7.22 35.85 -16.08
CA TYR C 181 6.25 35.37 -15.07
C TYR C 181 6.78 35.67 -13.68
N ILE C 182 8.04 35.34 -13.41
CA ILE C 182 8.60 35.62 -12.07
C ILE C 182 8.55 37.13 -11.80
N GLU C 183 8.92 37.96 -12.77
CA GLU C 183 8.86 39.45 -12.63
C GLU C 183 7.42 39.89 -12.39
N GLN C 184 6.46 39.35 -13.12
CA GLN C 184 5.04 39.69 -12.90
C GLN C 184 4.62 39.27 -11.48
N ALA C 185 5.05 38.13 -10.98
CA ALA C 185 4.67 37.68 -9.61
C ALA C 185 5.26 38.71 -8.64
N HIS C 186 6.54 39.08 -8.79
CA HIS C 186 7.20 40.10 -7.93
C HIS C 186 6.44 41.46 -7.99
N ASN C 187 5.99 41.91 -9.16
CA ASN C 187 5.30 43.21 -9.33
C ASN C 187 3.96 43.17 -8.56
N GLN C 188 3.24 42.06 -8.67
CA GLN C 188 1.93 41.83 -8.00
C GLN C 188 2.10 41.56 -6.50
N PHE C 189 3.23 41.00 -5.99
CA PHE C 189 3.44 40.65 -4.56
C PHE C 189 4.77 41.25 -4.09
N PRO C 190 4.95 42.59 -4.18
CA PRO C 190 6.30 43.16 -4.10
C PRO C 190 7.10 42.90 -2.80
N SER C 191 6.40 42.76 -1.68
CA SER C 191 7.01 42.61 -0.32
C SER C 191 7.22 41.12 0.01
N TYR C 192 6.82 40.21 -0.89
CA TYR C 192 6.69 38.76 -0.59
C TYR C 192 8.00 38.07 -0.93
N THR C 193 8.24 36.93 -0.29
CA THR C 193 9.39 36.01 -0.60
C THR C 193 8.85 34.82 -1.39
N ILE C 194 9.46 34.51 -2.53
CA ILE C 194 9.00 33.42 -3.44
C ILE C 194 9.82 32.13 -3.23
N VAL C 195 9.12 30.99 -3.20
CA VAL C 195 9.66 29.62 -3.43
C VAL C 195 8.96 29.10 -4.69
N ILE C 196 9.78 28.50 -5.55
CA ILE C 196 9.33 27.87 -6.82
C ILE C 196 9.48 26.35 -6.64
N SER C 197 8.37 25.71 -6.36
CA SER C 197 8.37 24.30 -5.87
C SER C 197 8.38 23.32 -7.05
N GLU C 198 8.02 23.79 -8.25
CA GLU C 198 8.09 22.99 -9.51
C GLU C 198 8.29 23.94 -10.69
N PHE C 199 9.24 23.66 -11.59
CA PHE C 199 9.29 24.41 -12.86
C PHE C 199 10.14 23.62 -13.85
N ALA C 200 9.80 23.76 -15.11
CA ALA C 200 10.54 23.15 -16.23
C ALA C 200 9.91 23.67 -17.51
N LEU C 201 10.53 23.38 -18.65
CA LEU C 201 9.81 23.63 -19.93
C LEU C 201 8.82 22.53 -20.17
N THR C 202 7.81 22.79 -20.99
CA THR C 202 7.03 21.66 -21.56
C THR C 202 7.87 20.85 -22.58
N ASN C 203 7.39 19.62 -22.85
CA ASN C 203 7.92 18.57 -23.76
C ASN C 203 8.36 19.24 -25.06
N GLY C 204 9.62 19.03 -25.47
CA GLY C 204 10.14 19.62 -26.72
C GLY C 204 11.19 20.66 -26.46
N GLY C 205 11.08 21.43 -25.37
CA GLY C 205 12.11 22.43 -25.05
C GLY C 205 13.45 21.80 -24.72
N ASN C 206 14.51 22.60 -24.78
CA ASN C 206 15.88 22.20 -24.41
C ASN C 206 16.00 22.54 -22.93
N GLN C 207 15.81 21.55 -22.06
CA GLN C 207 15.67 21.79 -20.62
C GLN C 207 17.03 22.26 -20.10
N VAL C 208 18.15 21.76 -20.62
CA VAL C 208 19.48 22.12 -20.06
C VAL C 208 19.68 23.61 -20.29
N ALA C 209 19.38 24.10 -21.51
CA ALA C 209 19.54 25.52 -21.89
C ALA C 209 18.63 26.36 -20.98
N PHE C 210 17.39 25.95 -20.78
CA PHE C 210 16.46 26.64 -19.83
C PHE C 210 17.08 26.79 -18.45
N PHE C 211 17.47 25.71 -17.78
CA PHE C 211 17.96 25.75 -16.39
C PHE C 211 19.30 26.46 -16.35
N GLU C 212 20.12 26.39 -17.41
CA GLU C 212 21.40 27.11 -17.48
C GLU C 212 21.12 28.62 -17.39
N SER C 213 20.02 29.09 -17.98
CA SER C 213 19.56 30.50 -17.86
C SER C 213 18.85 30.77 -16.52
N ALA C 214 17.98 29.87 -16.05
CA ALA C 214 17.11 30.14 -14.89
C ALA C 214 17.96 30.18 -13.63
N PHE C 215 18.93 29.30 -13.50
CA PHE C 215 19.64 29.17 -12.19
C PHE C 215 20.30 30.51 -11.82
N PRO C 216 21.13 31.12 -12.68
CA PRO C 216 21.75 32.41 -12.32
C PRO C 216 20.72 33.56 -12.18
N PHE C 217 19.67 33.55 -13.00
CA PHE C 217 18.51 34.48 -12.90
C PHE C 217 17.95 34.42 -11.47
N LEU C 218 17.57 33.23 -11.01
CA LEU C 218 16.92 33.08 -9.68
C LEU C 218 17.95 33.32 -8.56
N ASP C 219 19.18 32.88 -8.69
CA ASP C 219 20.23 33.09 -7.65
C ASP C 219 20.43 34.62 -7.40
N GLY C 220 20.23 35.45 -8.44
CA GLY C 220 20.39 36.92 -8.43
C GLY C 220 19.23 37.65 -7.79
N LEU C 221 18.05 37.04 -7.64
CA LEU C 221 16.81 37.70 -7.18
C LEU C 221 16.74 37.57 -5.66
N SER C 222 16.77 38.68 -4.91
CA SER C 222 16.90 38.61 -3.44
C SER C 222 15.58 38.09 -2.82
N TYR C 223 14.48 38.25 -3.56
CA TYR C 223 13.14 37.80 -3.15
C TYR C 223 12.80 36.33 -3.51
N VAL C 224 13.69 35.58 -4.16
CA VAL C 224 13.51 34.11 -4.32
C VAL C 224 14.40 33.40 -3.31
N LEU C 225 13.81 32.58 -2.42
CA LEU C 225 14.60 31.84 -1.40
C LEU C 225 15.00 30.43 -1.89
N LEU C 226 14.09 29.72 -2.55
CA LEU C 226 14.32 28.31 -2.96
C LEU C 226 13.66 28.09 -4.30
N TYR C 227 14.30 27.23 -5.08
CA TYR C 227 13.71 26.70 -6.34
C TYR C 227 14.04 25.20 -6.50
N PHE C 228 13.06 24.52 -7.06
CA PHE C 228 12.99 23.05 -7.23
C PHE C 228 12.57 22.77 -8.65
N PRO C 229 13.53 22.41 -9.49
CA PRO C 229 13.23 21.85 -10.80
C PRO C 229 12.29 20.66 -10.64
N PHE C 230 11.28 20.65 -11.52
CA PHE C 230 10.55 19.40 -11.79
C PHE C 230 11.42 18.60 -12.77
N VAL C 231 12.09 17.52 -12.37
CA VAL C 231 11.79 16.73 -11.20
C VAL C 231 13.05 16.00 -10.80
N ALA C 232 13.24 15.78 -9.50
CA ALA C 232 14.41 15.02 -9.00
C ALA C 232 14.09 13.51 -9.03
N THR C 233 13.94 12.95 -10.22
CA THR C 233 13.82 11.47 -10.46
C THR C 233 14.51 11.13 -11.80
N SER C 234 14.41 9.85 -12.20
CA SER C 234 14.94 9.27 -13.46
C SER C 234 13.84 9.23 -14.49
N PRO C 235 14.14 9.30 -15.80
CA PRO C 235 13.11 9.12 -16.84
C PRO C 235 12.28 7.83 -16.64
N ALA C 236 12.93 6.70 -16.33
CA ALA C 236 12.25 5.37 -16.15
C ALA C 236 11.24 5.43 -14.99
N LEU C 237 11.64 6.03 -13.88
CA LEU C 237 10.74 6.16 -12.73
C LEU C 237 9.62 7.14 -13.07
N LEU C 238 9.93 8.27 -13.74
CA LEU C 238 8.87 9.19 -14.19
C LEU C 238 7.92 8.45 -15.13
N GLN C 239 8.43 7.72 -16.12
CA GLN C 239 7.57 6.97 -17.08
C GLN C 239 6.71 5.93 -16.36
N ALA C 240 7.29 5.15 -15.44
CA ALA C 240 6.60 4.05 -14.73
C ALA C 240 5.44 4.59 -13.87
N ASN C 241 5.64 5.74 -13.24
CA ASN C 241 4.82 6.16 -12.09
C ASN C 241 3.98 7.34 -12.51
N ASP C 242 4.42 8.12 -13.52
CA ASP C 242 3.79 9.41 -13.81
C ASP C 242 3.86 9.67 -15.32
N PRO C 243 3.23 8.79 -16.12
CA PRO C 243 3.24 8.95 -17.58
C PRO C 243 2.62 10.26 -18.07
N GLY C 244 1.62 10.79 -17.34
CA GLY C 244 0.97 12.09 -17.62
C GLY C 244 2.02 13.18 -17.59
N ALA C 245 2.93 13.15 -16.63
CA ALA C 245 4.00 14.18 -16.51
C ALA C 245 4.98 14.02 -17.68
N VAL C 246 5.28 12.78 -18.08
CA VAL C 246 6.15 12.55 -19.29
C VAL C 246 5.47 13.18 -20.51
N THR C 247 4.15 13.01 -20.66
CA THR C 247 3.48 13.63 -21.83
C THR C 247 3.68 15.16 -21.77
N THR C 248 3.50 15.75 -20.57
CA THR C 248 3.52 17.22 -20.39
C THR C 248 4.94 17.79 -20.47
N VAL C 249 5.90 17.18 -19.81
CA VAL C 249 7.25 17.76 -19.62
C VAL C 249 8.31 17.01 -20.41
N GLY C 250 8.06 15.76 -20.86
CA GLY C 250 9.13 14.90 -21.43
C GLY C 250 10.07 14.42 -20.32
N THR C 251 11.25 13.95 -20.71
CA THR C 251 12.23 13.28 -19.79
C THR C 251 13.47 14.18 -19.64
N GLY C 252 13.51 15.30 -20.36
CA GLY C 252 14.69 16.20 -20.38
C GLY C 252 14.96 16.94 -19.08
N SER C 253 13.97 17.09 -18.20
CA SER C 253 14.14 17.84 -16.91
C SER C 253 14.42 16.90 -15.72
N CYS C 254 14.48 15.57 -15.93
CA CYS C 254 14.79 14.61 -14.85
C CYS C 254 16.25 14.82 -14.39
N LEU C 255 16.49 14.97 -13.09
CA LEU C 255 17.83 15.33 -12.57
C LEU C 255 18.71 14.10 -12.42
N TYR C 256 18.10 12.93 -12.35
CA TYR C 256 18.81 11.63 -12.28
C TYR C 256 18.79 10.95 -13.63
N THR C 257 19.81 10.12 -13.85
CA THR C 257 19.76 9.12 -14.96
C THR C 257 19.01 7.83 -14.52
N ASN C 258 18.66 6.95 -15.47
CA ASN C 258 18.04 5.65 -15.16
C ASN C 258 18.93 4.84 -14.25
N ALA C 259 20.24 5.02 -14.29
CA ALA C 259 21.20 4.27 -13.47
C ALA C 259 21.41 4.95 -12.13
N GLY C 260 20.78 6.10 -11.85
CA GLY C 260 20.93 6.65 -10.50
C GLY C 260 21.99 7.70 -10.44
N GLY C 261 22.66 8.04 -11.55
CA GLY C 261 23.64 9.13 -11.51
C GLY C 261 22.98 10.49 -11.78
N PRO C 262 23.78 11.58 -11.78
CA PRO C 262 23.28 12.89 -12.17
C PRO C 262 23.08 13.00 -13.68
N SER C 263 21.94 13.52 -14.13
CA SER C 263 21.71 13.82 -15.56
C SER C 263 22.46 15.08 -15.94
N SER C 264 22.31 15.57 -17.15
CA SER C 264 22.96 16.82 -17.58
C SER C 264 22.27 17.99 -16.86
N VAL C 265 20.99 17.83 -16.46
CA VAL C 265 20.34 18.85 -15.61
C VAL C 265 20.85 18.67 -14.19
N GLY C 266 20.95 17.43 -13.71
CA GLY C 266 21.48 17.17 -12.37
C GLY C 266 22.76 17.95 -12.16
N ASN C 267 23.66 17.88 -13.15
CA ASN C 267 25.00 18.51 -13.16
C ASN C 267 24.89 20.02 -12.95
N LEU C 268 23.80 20.67 -13.36
CA LEU C 268 23.61 22.13 -13.12
C LEU C 268 23.34 22.40 -11.62
N MET C 269 22.92 21.39 -10.85
CA MET C 269 22.53 21.57 -9.42
C MET C 269 23.78 21.85 -8.61
N TYR C 270 24.92 21.29 -8.99
CA TYR C 270 26.18 21.44 -8.20
C TYR C 270 26.63 22.90 -8.21
N GLY D 24 9.90 -0.40 29.50
CA GLY D 24 8.64 0.40 29.34
C GLY D 24 7.52 0.07 30.33
N LYS D 25 6.70 1.08 30.64
CA LYS D 25 5.66 1.00 31.69
C LYS D 25 4.26 1.21 31.10
N ARG D 26 4.15 1.57 29.82
CA ARG D 26 2.89 2.14 29.31
C ARG D 26 2.00 1.04 28.77
N GLY D 27 0.68 1.26 28.90
CA GLY D 27 -0.32 0.25 28.56
C GLY D 27 -1.56 0.85 27.95
N LEU D 28 -2.27 0.05 27.19
CA LEU D 28 -3.54 0.47 26.53
C LEU D 28 -4.73 -0.03 27.36
N ALA D 29 -5.59 0.92 27.75
CA ALA D 29 -6.89 0.63 28.38
C ALA D 29 -7.88 0.59 27.23
N TRP D 30 -8.28 -0.61 26.83
CA TRP D 30 -8.74 -0.91 25.45
C TRP D 30 -10.19 -1.31 25.58
N PRO D 31 -11.17 -0.45 25.33
CA PRO D 31 -12.55 -0.86 25.52
C PRO D 31 -13.10 -1.95 24.59
N TRP D 32 -14.24 -2.52 25.01
CA TRP D 32 -14.93 -3.64 24.34
C TRP D 32 -15.31 -3.22 22.92
N TYR D 33 -15.56 -1.95 22.68
CA TYR D 33 -16.16 -1.45 21.41
C TYR D 33 -15.02 -1.15 20.42
N ASN D 34 -13.75 -1.49 20.71
CA ASN D 34 -12.61 -1.07 19.87
C ASN D 34 -12.37 -1.91 18.59
N SER D 35 -13.24 -2.82 18.13
CA SER D 35 -12.86 -3.72 17.00
C SER D 35 -12.40 -2.93 15.76
N PRO D 36 -12.83 -1.66 15.50
CA PRO D 36 -12.35 -0.91 14.32
C PRO D 36 -10.89 -0.48 14.42
N LEU D 37 -10.34 -0.42 15.64
CA LEU D 37 -8.99 0.16 15.89
C LEU D 37 -7.96 -0.95 16.07
N ASP D 38 -6.68 -0.61 16.03
CA ASP D 38 -5.66 -1.64 16.28
CA ASP D 38 -5.51 -1.51 16.05
C ASP D 38 -4.61 -1.11 17.24
N PRO D 39 -4.33 -1.93 18.27
CA PRO D 39 -3.39 -1.54 19.31
C PRO D 39 -2.00 -1.23 18.76
N GLY D 40 -1.59 -1.90 17.66
CA GLY D 40 -0.22 -1.80 17.14
C GLY D 40 0.13 -0.39 16.66
N VAL D 41 -0.90 0.43 16.38
CA VAL D 41 -0.75 1.87 16.06
C VAL D 41 0.11 2.54 17.15
N LEU D 42 0.02 2.10 18.41
CA LEU D 42 0.79 2.69 19.52
C LEU D 42 2.00 1.84 19.87
N ASN D 43 2.41 0.96 18.96
CA ASN D 43 3.64 0.15 19.14
C ASN D 43 4.57 0.47 17.99
N ASN D 44 5.56 1.34 18.22
CA ASN D 44 6.56 1.73 17.20
C ASN D 44 7.88 0.94 17.35
N GLY D 45 7.91 -0.03 18.25
CA GLY D 45 9.07 -0.91 18.44
C GLY D 45 10.08 -0.31 19.39
N ASP D 46 9.88 0.89 19.96
CA ASP D 46 10.88 1.45 20.91
C ASP D 46 10.64 0.90 22.32
N GLY D 47 9.57 0.16 22.57
CA GLY D 47 9.40 -0.59 23.82
C GLY D 47 8.83 0.23 25.00
N GLU D 48 8.39 1.47 24.81
CA GLU D 48 7.71 2.15 25.94
C GLU D 48 6.36 1.48 26.23
N VAL D 49 5.58 1.14 25.19
CA VAL D 49 4.24 0.51 25.30
C VAL D 49 4.36 -1.05 25.32
N VAL D 50 3.92 -1.68 26.40
CA VAL D 50 4.19 -3.10 26.73
C VAL D 50 2.93 -3.88 27.06
N ALA D 51 1.81 -3.23 27.43
CA ALA D 51 0.68 -4.03 27.96
C ALA D 51 -0.62 -3.51 27.39
N ILE D 52 -1.68 -4.30 27.45
CA ILE D 52 -3.05 -3.93 27.07
C ILE D 52 -4.00 -4.71 27.97
N TYR D 53 -5.09 -4.10 28.41
CA TYR D 53 -6.22 -4.81 29.08
C TYR D 53 -7.53 -4.24 28.51
N ASP D 54 -8.62 -4.99 28.66
CA ASP D 54 -9.93 -4.59 28.07
C ASP D 54 -11.07 -4.74 29.06
N TRP D 55 -10.79 -4.78 30.35
CA TRP D 55 -11.76 -4.80 31.48
C TRP D 55 -12.48 -6.16 31.52
N GLU D 56 -12.10 -7.10 30.66
CA GLU D 56 -12.75 -8.43 30.49
C GLU D 56 -11.72 -9.58 30.41
N THR D 57 -12.19 -10.82 30.34
CA THR D 57 -11.32 -12.03 30.25
C THR D 57 -11.27 -12.50 28.81
N TYR D 58 -12.04 -11.92 27.90
CA TYR D 58 -11.88 -12.24 26.46
C TYR D 58 -10.84 -11.27 25.87
N ALA D 59 -10.20 -11.72 24.77
CA ALA D 59 -9.14 -11.02 24.02
C ALA D 59 -9.63 -9.66 23.53
N PRO D 60 -8.74 -8.68 23.48
CA PRO D 60 -9.06 -7.37 22.96
C PRO D 60 -9.68 -7.47 21.57
N PRO D 61 -10.88 -6.91 21.34
CA PRO D 61 -11.42 -6.84 19.97
C PRO D 61 -10.65 -5.79 19.15
N THR D 62 -9.98 -6.25 18.10
CA THR D 62 -9.06 -5.43 17.28
C THR D 62 -9.29 -5.70 15.79
N SER D 63 -8.80 -4.80 14.95
CA SER D 63 -8.91 -4.94 13.47
C SER D 63 -7.95 -6.07 13.04
N THR D 64 -6.82 -6.30 13.70
CA THR D 64 -5.92 -7.38 13.24
C THR D 64 -6.33 -8.73 13.82
N GLY D 65 -7.11 -8.78 14.91
CA GLY D 65 -7.27 -10.01 15.68
C GLY D 65 -6.12 -10.22 16.67
N GLY D 66 -5.05 -9.46 16.57
CA GLY D 66 -3.96 -9.63 17.57
C GLY D 66 -3.96 -8.50 18.60
N THR D 67 -2.91 -8.40 19.42
CA THR D 67 -2.78 -7.35 20.47
C THR D 67 -1.71 -6.30 20.16
N GLY D 68 -1.32 -6.13 18.91
CA GLY D 68 -0.34 -5.12 18.44
C GLY D 68 1.04 -5.31 19.08
N GLY D 69 1.38 -6.58 19.35
CA GLY D 69 2.67 -7.00 19.92
C GLY D 69 2.70 -6.71 21.41
N LEU D 70 1.57 -6.38 22.00
CA LEU D 70 1.52 -6.09 23.43
C LEU D 70 1.02 -7.29 24.25
N GLY D 71 1.48 -7.38 25.51
CA GLY D 71 1.09 -8.42 26.47
C GLY D 71 -0.31 -8.15 27.01
N PHE D 72 -1.28 -9.00 26.63
CA PHE D 72 -2.67 -8.87 27.14
C PHE D 72 -2.80 -9.38 28.57
N ILE D 73 -3.42 -8.51 29.38
CA ILE D 73 -3.70 -8.73 30.81
C ILE D 73 -5.19 -8.96 30.93
N GLY D 74 -5.54 -10.18 31.30
CA GLY D 74 -6.95 -10.55 31.46
C GLY D 74 -7.55 -9.81 32.64
N MET D 75 -8.85 -9.59 32.68
CA MET D 75 -9.37 -8.89 33.88
C MET D 75 -10.72 -9.44 34.27
N GLN D 76 -10.81 -9.84 35.53
CA GLN D 76 -12.08 -10.26 36.15
C GLN D 76 -12.62 -9.06 36.95
N GLY D 77 -13.39 -8.19 36.28
CA GLY D 77 -13.65 -6.84 36.82
C GLY D 77 -14.91 -6.83 37.70
N THR D 78 -15.71 -7.88 37.57
CA THR D 78 -16.88 -8.12 38.42
C THR D 78 -16.77 -9.51 39.00
N MET D 79 -17.50 -9.76 40.07
CA MET D 79 -17.48 -11.09 40.70
C MET D 79 -18.00 -12.14 39.70
N ASP D 80 -18.88 -11.78 38.78
CA ASP D 80 -19.35 -12.73 37.76
C ASP D 80 -20.18 -11.97 36.76
N SER D 81 -20.04 -12.16 35.46
CA SER D 81 -20.90 -11.43 34.46
C SER D 81 -21.15 -12.33 33.27
N ASP D 82 -22.11 -12.02 32.42
CA ASP D 82 -22.25 -12.70 31.11
C ASP D 82 -20.97 -12.47 30.28
N SER D 83 -20.36 -11.29 30.31
CA SER D 83 -19.19 -10.98 29.46
C SER D 83 -17.96 -11.77 29.94
N SER D 84 -17.73 -11.81 31.24
CA SER D 84 -16.59 -12.52 31.87
C SER D 84 -17.10 -13.41 32.99
N PRO D 85 -17.65 -14.60 32.64
CA PRO D 85 -18.15 -15.53 33.67
C PRO D 85 -16.92 -16.00 34.48
N VAL D 86 -17.00 -15.89 35.81
CA VAL D 86 -15.86 -16.24 36.70
C VAL D 86 -15.58 -17.74 36.59
N ALA D 87 -16.58 -18.57 36.24
CA ALA D 87 -16.33 -20.03 36.05
C ALA D 87 -15.37 -20.26 34.85
N GLN D 88 -15.26 -19.32 33.92
CA GLN D 88 -14.36 -19.41 32.74
C GLN D 88 -13.05 -18.67 32.99
N LEU D 89 -12.88 -18.01 34.11
CA LEU D 89 -11.66 -17.19 34.32
C LEU D 89 -10.43 -18.09 34.09
N ALA D 90 -10.27 -19.22 34.80
CA ALA D 90 -9.01 -20.00 34.75
C ALA D 90 -8.82 -20.66 33.37
N THR D 91 -9.88 -21.09 32.69
CA THR D 91 -9.82 -21.66 31.34
C THR D 91 -9.37 -20.59 30.33
N ARG D 92 -9.96 -19.39 30.37
CA ARG D 92 -9.55 -18.26 29.48
C ARG D 92 -8.08 -17.91 29.74
N GLN D 93 -7.69 -17.84 30.99
CA GLN D 93 -6.28 -17.55 31.30
C GLN D 93 -5.37 -18.58 30.59
N ALA D 94 -5.66 -19.88 30.71
CA ALA D 94 -4.81 -20.99 30.21
C ALA D 94 -4.81 -20.98 28.67
N GLN D 95 -5.96 -20.81 28.05
CA GLN D 95 -6.08 -20.78 26.60
C GLN D 95 -5.30 -19.59 26.06
N GLN D 96 -5.29 -18.42 26.71
CA GLN D 96 -4.75 -17.17 26.10
C GLN D 96 -3.30 -16.97 26.55
N GLY D 97 -2.93 -17.51 27.71
CA GLY D 97 -1.56 -17.44 28.23
C GLY D 97 -1.19 -16.09 28.81
N TRP D 98 -2.10 -15.39 29.53
CA TRP D 98 -1.76 -14.10 30.16
C TRP D 98 -0.59 -14.34 31.12
N ALA D 99 0.29 -13.36 31.29
CA ALA D 99 1.39 -13.36 32.30
C ALA D 99 0.93 -12.60 33.54
N THR D 100 -0.17 -11.86 33.39
CA THR D 100 -0.75 -11.03 34.46
C THR D 100 -2.28 -11.09 34.42
N VAL D 101 -2.90 -11.04 35.58
CA VAL D 101 -4.38 -10.88 35.72
C VAL D 101 -4.73 -9.70 36.66
N PHE D 102 -5.76 -8.97 36.25
CA PHE D 102 -6.40 -7.90 37.07
C PHE D 102 -7.72 -8.40 37.64
N SER D 103 -8.07 -7.87 38.82
CA SER D 103 -9.30 -8.29 39.54
C SER D 103 -10.36 -7.16 39.49
N LEU D 104 -11.16 -7.04 40.54
CA LEU D 104 -12.43 -6.29 40.49
C LEU D 104 -12.14 -4.80 40.18
N ASN D 105 -13.01 -4.25 39.31
CA ASN D 105 -13.00 -2.82 38.93
C ASN D 105 -13.72 -2.00 40.01
N GLU D 106 -12.99 -1.23 40.85
CA GLU D 106 -13.59 -0.19 41.73
C GLU D 106 -14.67 -0.81 42.63
N PRO D 107 -14.39 -1.94 43.29
CA PRO D 107 -15.35 -2.50 44.24
C PRO D 107 -15.65 -1.53 45.41
N ASP D 108 -14.73 -0.59 45.70
CA ASP D 108 -14.76 0.39 46.81
C ASP D 108 -16.01 1.28 46.67
N ILE D 109 -16.61 1.36 45.49
CA ILE D 109 -17.78 2.26 45.30
C ILE D 109 -18.91 1.46 44.67
N ASN D 110 -18.84 0.13 44.61
CA ASN D 110 -19.89 -0.70 43.96
C ASN D 110 -20.49 -1.72 44.93
N GLY D 111 -20.54 -1.39 46.21
CA GLY D 111 -21.28 -2.16 47.21
C GLY D 111 -20.68 -3.51 47.48
N ILE D 112 -19.36 -3.67 47.32
CA ILE D 112 -18.64 -4.90 47.68
C ILE D 112 -17.77 -4.62 48.92
N THR D 113 -17.91 -5.37 50.01
CA THR D 113 -17.15 -5.09 51.25
C THR D 113 -15.75 -5.61 51.06
N PRO D 114 -14.78 -5.09 51.84
CA PRO D 114 -13.43 -5.65 51.78
C PRO D 114 -13.40 -7.15 52.02
N ALA D 115 -14.15 -7.66 53.02
CA ALA D 115 -14.24 -9.09 53.35
C ALA D 115 -14.79 -9.89 52.18
N GLU D 116 -15.87 -9.44 51.56
CA GLU D 116 -16.47 -10.14 50.42
C GLU D 116 -15.46 -10.22 49.28
N ALA D 117 -14.77 -9.14 48.97
CA ALA D 117 -13.77 -9.11 47.88
C ALA D 117 -12.63 -10.06 48.26
N ALA D 118 -12.14 -10.06 49.49
CA ALA D 118 -10.98 -10.91 49.83
C ALA D 118 -11.32 -12.41 49.71
N SER D 119 -12.49 -12.82 50.19
CA SER D 119 -13.04 -14.18 50.13
C SER D 119 -13.21 -14.59 48.65
N TRP D 120 -13.74 -13.70 47.79
CA TRP D 120 -13.92 -13.98 46.35
C TRP D 120 -12.57 -14.05 45.63
N TYR D 121 -11.61 -13.21 45.98
CA TYR D 121 -10.24 -13.19 45.39
C TYR D 121 -9.55 -14.50 45.71
N ILE D 122 -9.58 -14.92 46.96
CA ILE D 122 -8.95 -16.20 47.41
C ILE D 122 -9.53 -17.37 46.61
N GLU D 123 -10.85 -17.41 46.43
CA GLU D 123 -11.52 -18.48 45.68
C GLU D 123 -11.08 -18.47 44.22
N TRP D 124 -11.13 -17.35 43.50
CA TRP D 124 -11.13 -17.34 42.01
C TRP D 124 -9.83 -16.81 41.39
N VAL D 125 -9.08 -15.97 42.11
CA VAL D 125 -7.85 -15.33 41.56
C VAL D 125 -6.58 -16.03 42.09
N ASN D 126 -6.46 -16.32 43.39
CA ASN D 126 -5.33 -17.07 43.99
C ASN D 126 -4.83 -18.21 43.07
N PRO D 127 -5.70 -19.07 42.51
CA PRO D 127 -5.26 -20.25 41.77
C PRO D 127 -4.59 -19.96 40.40
N LEU D 128 -4.73 -18.73 39.88
CA LEU D 128 -4.12 -18.33 38.59
C LEU D 128 -2.62 -18.16 38.84
N ALA D 129 -1.82 -19.03 38.26
CA ALA D 129 -0.39 -19.19 38.61
C ALA D 129 0.45 -18.19 37.81
N ILE D 130 0.09 -16.93 37.89
CA ILE D 130 0.76 -15.80 37.17
C ILE D 130 0.82 -14.59 38.14
N LYS D 131 1.27 -13.43 37.66
CA LYS D 131 1.22 -12.15 38.39
C LYS D 131 -0.24 -11.74 38.62
N LYS D 132 -0.56 -11.30 39.82
CA LYS D 132 -1.95 -10.96 40.19
C LYS D 132 -1.98 -9.54 40.77
N ALA D 133 -2.96 -8.74 40.34
CA ALA D 133 -3.27 -7.43 40.97
C ALA D 133 -4.50 -7.51 41.88
N LEU D 134 -4.38 -6.92 43.08
CA LEU D 134 -5.58 -6.61 43.93
C LEU D 134 -6.49 -5.65 43.19
N PRO D 135 -7.79 -5.62 43.53
CA PRO D 135 -8.76 -4.76 42.83
C PRO D 135 -8.35 -3.28 42.64
N ALA D 136 -8.63 -2.71 41.47
CA ALA D 136 -8.46 -1.27 41.18
C ALA D 136 -9.38 -0.49 42.11
N VAL D 137 -8.82 0.36 42.96
CA VAL D 137 -9.67 1.28 43.78
C VAL D 137 -9.61 2.71 43.23
N THR D 138 -10.66 3.47 43.52
CA THR D 138 -10.81 4.89 43.15
C THR D 138 -9.95 5.74 44.07
N SER D 139 -9.77 7.01 43.68
CA SER D 139 -8.97 8.00 44.46
C SER D 139 -9.83 8.70 45.51
N SER D 140 -11.02 8.19 45.80
CA SER D 140 -11.89 8.71 46.89
C SER D 140 -11.13 8.76 48.22
N THR D 141 -11.31 9.86 48.97
CA THR D 141 -10.74 10.03 50.34
C THR D 141 -11.75 9.61 51.41
N THR D 142 -12.95 9.23 51.06
CA THR D 142 -13.92 8.67 52.02
C THR D 142 -13.42 7.37 52.67
N SER D 143 -13.58 7.29 53.98
CA SER D 143 -13.30 6.07 54.79
C SER D 143 -14.15 4.92 54.25
N GLY D 144 -13.53 3.74 54.04
CA GLY D 144 -14.18 2.59 53.40
C GLY D 144 -14.33 2.72 51.90
N GLN D 145 -13.72 3.75 51.30
CA GLN D 145 -13.54 3.84 49.82
C GLN D 145 -12.07 4.05 49.51
N GLY D 146 -11.71 3.92 48.24
CA GLY D 146 -10.35 4.19 47.77
C GLY D 146 -9.27 3.49 48.60
N LEU D 147 -8.23 4.21 48.95
CA LEU D 147 -7.07 3.56 49.63
C LEU D 147 -7.55 2.98 50.97
N SER D 148 -8.59 3.55 51.62
CA SER D 148 -9.05 3.04 52.94
C SER D 148 -9.67 1.65 52.71
N TRP D 149 -10.46 1.49 51.67
CA TRP D 149 -11.06 0.21 51.29
C TRP D 149 -9.95 -0.83 51.02
N LEU D 150 -8.90 -0.42 50.30
CA LEU D 150 -7.78 -1.29 49.88
C LEU D 150 -7.07 -1.72 51.17
N SER D 151 -6.80 -0.82 52.11
CA SER D 151 -6.16 -1.21 53.40
C SER D 151 -7.02 -2.27 54.11
N GLU D 152 -8.35 -2.10 54.09
CA GLU D 152 -9.30 -3.01 54.76
C GLU D 152 -9.29 -4.35 54.01
N MET D 153 -9.17 -4.36 52.69
CA MET D 153 -9.20 -5.64 51.95
C MET D 153 -7.91 -6.41 52.30
N ILE D 154 -6.78 -5.75 52.35
CA ILE D 154 -5.54 -6.48 52.67
C ILE D 154 -5.71 -7.00 54.09
N SER D 155 -6.29 -6.21 55.00
CA SER D 155 -6.45 -6.65 56.40
C SER D 155 -7.38 -7.89 56.45
N ALA D 156 -8.47 -7.92 55.69
CA ALA D 156 -9.40 -9.06 55.63
C ALA D 156 -8.74 -10.30 55.02
N CYS D 157 -7.82 -10.09 54.05
CA CYS D 157 -6.96 -11.09 53.40
C CYS D 157 -6.22 -11.88 54.48
N ALA D 158 -5.78 -11.23 55.55
CA ALA D 158 -5.05 -11.89 56.66
C ALA D 158 -3.97 -12.85 56.07
N GLY D 159 -3.20 -12.40 55.11
CA GLY D 159 -2.04 -13.13 54.56
C GLY D 159 -2.44 -14.16 53.49
N ALA D 160 -3.73 -14.40 53.23
CA ALA D 160 -4.22 -15.54 52.41
C ALA D 160 -4.49 -15.17 50.94
N CYS D 161 -4.51 -13.89 50.60
CA CYS D 161 -4.59 -13.44 49.19
C CYS D 161 -3.18 -13.43 48.62
N TYR D 162 -2.99 -14.05 47.47
CA TYR D 162 -1.71 -14.06 46.75
C TYR D 162 -1.82 -12.92 45.75
N PHE D 163 -0.96 -11.94 45.90
CA PHE D 163 -0.98 -10.76 45.01
C PHE D 163 0.43 -10.19 44.83
N ASP D 164 0.67 -9.65 43.64
CA ASP D 164 1.96 -9.08 43.25
C ASP D 164 1.86 -7.54 43.23
N TYR D 165 0.68 -7.01 42.94
CA TYR D 165 0.45 -5.57 42.70
C TYR D 165 -0.80 -5.07 43.42
N ILE D 166 -0.76 -3.76 43.70
CA ILE D 166 -1.97 -2.97 44.03
C ILE D 166 -2.28 -2.14 42.80
N ASN D 167 -3.56 -1.81 42.62
CA ASN D 167 -4.08 -1.27 41.34
C ASN D 167 -4.86 0.02 41.67
N LEU D 168 -4.42 1.15 41.13
CA LEU D 168 -5.02 2.48 41.42
C LEU D 168 -5.69 3.04 40.19
N HIS D 169 -6.74 3.80 40.45
CA HIS D 169 -7.37 4.74 39.49
C HIS D 169 -7.20 6.15 40.05
N TRP D 170 -7.08 7.13 39.15
CA TRP D 170 -7.07 8.54 39.57
C TRP D 170 -7.65 9.39 38.46
N TYR D 171 -8.62 10.22 38.83
CA TYR D 171 -9.10 11.37 38.03
C TYR D 171 -9.07 12.61 38.93
N GLY D 172 -8.47 13.70 38.48
CA GLY D 172 -8.33 14.93 39.28
C GLY D 172 -8.07 16.11 38.38
N THR D 173 -7.61 17.23 38.94
CA THR D 173 -7.65 18.54 38.22
C THR D 173 -6.26 19.08 37.91
N SER D 174 -5.21 18.49 38.48
CA SER D 174 -3.83 18.96 38.14
C SER D 174 -2.83 17.80 38.27
N PHE D 175 -1.69 18.00 37.62
CA PHE D 175 -0.50 17.13 37.77
C PHE D 175 -0.06 17.16 39.23
N ALA D 176 -0.01 18.34 39.86
CA ALA D 176 0.40 18.46 41.28
C ALA D 176 -0.51 17.57 42.18
N GLU D 177 -1.81 17.47 41.92
CA GLU D 177 -2.77 16.66 42.72
C GLU D 177 -2.41 15.17 42.47
N PHE D 178 -2.15 14.81 41.22
CA PHE D 178 -1.80 13.40 40.85
C PHE D 178 -0.51 12.99 41.57
N GLN D 179 0.52 13.82 41.45
CA GLN D 179 1.81 13.53 42.11
C GLN D 179 1.55 13.32 43.60
N ALA D 180 0.79 14.19 44.26
CA ALA D 180 0.57 14.10 45.73
C ALA D 180 -0.23 12.83 46.05
N TYR D 181 -1.17 12.44 45.21
CA TYR D 181 -1.97 11.21 45.38
C TYR D 181 -1.05 9.96 45.27
N ILE D 182 -0.15 9.92 44.28
CA ILE D 182 0.67 8.73 44.02
C ILE D 182 1.63 8.63 45.22
N GLU D 183 2.14 9.74 45.69
CA GLU D 183 3.04 9.76 46.87
C GLU D 183 2.26 9.33 48.12
N GLN D 184 0.96 9.64 48.22
CA GLN D 184 0.07 9.26 49.36
C GLN D 184 -0.15 7.74 49.29
N ALA D 185 -0.49 7.21 48.10
CA ALA D 185 -0.61 5.75 47.89
C ALA D 185 0.71 5.10 48.34
N HIS D 186 1.84 5.67 47.96
CA HIS D 186 3.17 5.05 48.25
C HIS D 186 3.42 5.11 49.77
N ASN D 187 2.97 6.18 50.42
CA ASN D 187 3.14 6.35 51.88
C ASN D 187 2.26 5.33 52.64
N GLN D 188 1.08 5.01 52.10
CA GLN D 188 0.09 4.13 52.76
C GLN D 188 0.34 2.65 52.42
N PHE D 189 1.09 2.40 51.33
CA PHE D 189 1.43 1.06 50.81
C PHE D 189 2.88 1.00 50.38
N PRO D 190 3.82 1.37 51.27
CA PRO D 190 5.24 1.45 50.90
C PRO D 190 5.88 0.13 50.45
N SER D 191 5.35 -1.01 50.84
CA SER D 191 5.95 -2.34 50.55
C SER D 191 5.58 -2.77 49.11
N TYR D 192 4.60 -2.12 48.50
CA TYR D 192 3.91 -2.69 47.34
C TYR D 192 4.22 -1.96 46.03
N THR D 193 4.11 -2.73 44.96
CA THR D 193 4.36 -2.30 43.58
C THR D 193 2.99 -1.90 43.03
N ILE D 194 2.94 -0.76 42.35
CA ILE D 194 1.69 -0.15 41.87
C ILE D 194 1.54 -0.41 40.37
N VAL D 195 0.29 -0.70 39.97
CA VAL D 195 -0.12 -0.50 38.56
C VAL D 195 -1.23 0.55 38.61
N ILE D 196 -1.26 1.43 37.65
CA ILE D 196 -2.29 2.48 37.51
C ILE D 196 -3.06 2.09 36.26
N SER D 197 -4.23 1.54 36.45
CA SER D 197 -5.03 0.95 35.36
C SER D 197 -5.88 1.98 34.63
N GLU D 198 -6.24 3.09 35.29
CA GLU D 198 -6.93 4.25 34.63
C GLU D 198 -6.47 5.56 35.28
N PHE D 199 -6.09 6.56 34.50
CA PHE D 199 -5.82 7.93 34.99
C PHE D 199 -5.97 8.88 33.84
N ALA D 200 -6.53 10.05 34.13
CA ALA D 200 -6.60 11.24 33.27
C ALA D 200 -7.08 12.41 34.12
N LEU D 201 -7.04 13.63 33.60
CA LEU D 201 -7.73 14.78 34.23
C LEU D 201 -9.24 14.55 34.13
N THR D 202 -9.96 15.05 35.11
CA THR D 202 -11.42 15.28 35.00
C THR D 202 -11.68 16.17 33.78
N ASN D 203 -12.83 16.04 33.16
CA ASN D 203 -13.23 16.87 32.01
C ASN D 203 -13.00 18.37 32.30
N GLY D 204 -12.49 19.09 31.29
CA GLY D 204 -12.29 20.56 31.32
C GLY D 204 -10.82 20.89 31.60
N GLY D 205 -10.00 19.85 31.78
CA GLY D 205 -8.53 19.96 31.94
C GLY D 205 -7.82 19.88 30.58
N ASN D 206 -6.57 20.35 30.55
CA ASN D 206 -5.63 20.16 29.41
C ASN D 206 -4.91 18.82 29.59
N GLN D 207 -5.40 17.82 28.85
CA GLN D 207 -4.99 16.38 28.95
C GLN D 207 -3.53 16.24 28.45
N VAL D 208 -3.15 16.89 27.35
CA VAL D 208 -1.77 16.79 26.82
C VAL D 208 -0.78 17.23 27.88
N ALA D 209 -0.99 18.44 28.43
CA ALA D 209 -0.09 19.06 29.42
C ALA D 209 0.05 18.12 30.61
N PHE D 210 -1.06 17.52 31.05
CA PHE D 210 -1.09 16.60 32.19
C PHE D 210 -0.20 15.39 31.86
N PHE D 211 -0.44 14.72 30.74
CA PHE D 211 0.33 13.47 30.43
C PHE D 211 1.79 13.78 30.12
N GLU D 212 2.11 14.96 29.56
CA GLU D 212 3.52 15.35 29.31
C GLU D 212 4.26 15.48 30.67
N SER D 213 3.61 15.83 31.78
CA SER D 213 4.22 15.82 33.16
C SER D 213 4.17 14.42 33.80
N ALA D 214 3.07 13.69 33.64
CA ALA D 214 2.80 12.43 34.37
C ALA D 214 3.81 11.35 33.90
N PHE D 215 4.08 11.30 32.59
CA PHE D 215 4.82 10.14 32.01
C PHE D 215 6.21 10.12 32.63
N PRO D 216 6.96 11.22 32.55
CA PRO D 216 8.30 11.24 33.16
C PRO D 216 8.31 11.03 34.68
N PHE D 217 7.31 11.53 35.40
CA PHE D 217 7.20 11.37 36.85
C PHE D 217 7.00 9.88 37.13
N LEU D 218 6.08 9.22 36.41
CA LEU D 218 5.81 7.78 36.63
C LEU D 218 6.99 6.91 36.17
N ASP D 219 7.63 7.28 35.05
CA ASP D 219 8.76 6.51 34.48
C ASP D 219 9.84 6.55 35.55
N GLY D 220 9.90 7.61 36.36
CA GLY D 220 10.98 7.76 37.37
C GLY D 220 10.68 7.01 38.65
N LEU D 221 9.46 6.53 38.88
CA LEU D 221 9.16 5.88 40.20
C LEU D 221 9.42 4.36 40.12
N SER D 222 10.38 3.89 40.88
CA SER D 222 10.83 2.48 40.91
C SER D 222 9.69 1.57 41.39
N TYR D 223 8.67 2.09 42.09
CA TYR D 223 7.56 1.29 42.65
C TYR D 223 6.33 1.32 41.72
N VAL D 224 6.37 2.03 40.60
CA VAL D 224 5.27 1.98 39.59
C VAL D 224 5.74 1.07 38.44
N LEU D 225 4.98 0.02 38.11
CA LEU D 225 5.36 -0.97 37.08
C LEU D 225 4.68 -0.61 35.76
N LEU D 226 3.41 -0.32 35.83
CA LEU D 226 2.65 -0.09 34.59
C LEU D 226 1.74 1.13 34.84
N TYR D 227 1.44 1.87 33.81
CA TYR D 227 0.33 2.85 33.88
C TYR D 227 -0.38 2.87 32.54
N PHE D 228 -1.68 3.05 32.62
CA PHE D 228 -2.60 3.00 31.47
C PHE D 228 -3.45 4.27 31.48
N PRO D 229 -3.14 5.26 30.61
CA PRO D 229 -4.03 6.39 30.38
C PRO D 229 -5.47 5.91 30.10
N PHE D 230 -6.45 6.55 30.74
CA PHE D 230 -7.85 6.50 30.24
C PHE D 230 -7.93 7.52 29.10
N VAL D 231 -7.97 7.09 27.82
CA VAL D 231 -8.41 5.79 27.36
C VAL D 231 -7.88 5.55 25.94
N ALA D 232 -7.64 4.29 25.58
CA ALA D 232 -7.05 3.91 24.29
C ALA D 232 -8.18 3.71 23.30
N THR D 233 -8.84 4.78 22.94
CA THR D 233 -9.91 4.74 21.89
C THR D 233 -9.99 6.10 21.22
N SER D 234 -10.90 6.25 20.25
CA SER D 234 -11.12 7.54 19.57
C SER D 234 -12.27 8.30 20.26
N PRO D 235 -12.36 9.64 20.06
CA PRO D 235 -13.46 10.43 20.61
C PRO D 235 -14.80 9.97 20.07
N ALA D 236 -14.84 9.61 18.82
CA ALA D 236 -16.12 9.21 18.21
C ALA D 236 -16.61 7.92 18.90
N LEU D 237 -15.72 6.97 19.14
CA LEU D 237 -16.10 5.68 19.73
C LEU D 237 -16.45 5.87 21.20
N LEU D 238 -15.75 6.74 21.92
CA LEU D 238 -16.06 7.01 23.36
C LEU D 238 -17.45 7.65 23.42
N GLN D 239 -17.68 8.65 22.59
CA GLN D 239 -18.99 9.33 22.67
C GLN D 239 -20.11 8.34 22.33
N ALA D 240 -19.95 7.54 21.26
CA ALA D 240 -21.03 6.63 20.82
C ALA D 240 -21.26 5.50 21.86
N ASN D 241 -20.25 5.06 22.63
CA ASN D 241 -20.34 3.77 23.39
C ASN D 241 -20.22 3.97 24.90
N ASP D 242 -19.61 5.07 25.32
CA ASP D 242 -19.49 5.40 26.75
C ASP D 242 -19.79 6.89 26.96
N PRO D 243 -20.99 7.38 26.65
CA PRO D 243 -21.27 8.82 26.78
C PRO D 243 -20.99 9.34 28.23
N GLY D 244 -21.18 8.50 29.23
CA GLY D 244 -20.84 8.86 30.62
C GLY D 244 -19.42 9.36 30.74
N ALA D 245 -18.48 8.76 30.03
CA ALA D 245 -17.05 9.15 30.20
C ALA D 245 -16.86 10.51 29.52
N VAL D 246 -17.69 10.85 28.54
CA VAL D 246 -17.58 12.20 27.93
C VAL D 246 -17.88 13.29 29.00
N THR D 247 -18.78 13.02 29.95
CA THR D 247 -19.04 13.92 31.08
C THR D 247 -17.83 13.90 32.04
N THR D 248 -17.35 12.72 32.44
CA THR D 248 -16.42 12.63 33.57
C THR D 248 -15.02 12.99 33.10
N VAL D 249 -14.68 12.69 31.84
CA VAL D 249 -13.29 12.88 31.34
C VAL D 249 -13.25 13.81 30.13
N GLY D 250 -14.30 13.85 29.30
CA GLY D 250 -14.24 14.44 27.96
C GLY D 250 -13.51 13.50 27.00
N THR D 251 -13.06 13.97 25.84
CA THR D 251 -12.42 13.10 24.83
C THR D 251 -10.99 13.54 24.59
N GLY D 252 -10.48 14.41 25.44
CA GLY D 252 -9.13 14.95 25.21
C GLY D 252 -8.10 13.97 25.67
N SER D 253 -8.46 12.91 26.40
CA SER D 253 -7.45 11.89 26.80
C SER D 253 -7.53 10.68 25.86
N CYS D 254 -8.36 10.72 24.82
CA CYS D 254 -8.43 9.60 23.87
C CYS D 254 -7.07 9.50 23.13
N LEU D 255 -6.50 8.29 23.08
CA LEU D 255 -5.16 8.03 22.50
C LEU D 255 -5.25 7.98 20.96
N TYR D 256 -6.46 7.81 20.39
CA TYR D 256 -6.62 7.65 18.92
C TYR D 256 -7.37 8.82 18.30
N THR D 257 -7.06 9.11 17.04
CA THR D 257 -7.89 9.99 16.21
C THR D 257 -9.08 9.14 15.75
N ASN D 258 -10.12 9.79 15.20
CA ASN D 258 -11.32 9.10 14.71
C ASN D 258 -10.92 8.18 13.56
N ALA D 259 -9.92 8.50 12.79
CA ALA D 259 -9.52 7.71 11.62
C ALA D 259 -8.66 6.53 12.05
N GLY D 260 -8.13 6.49 13.28
CA GLY D 260 -7.39 5.29 13.72
C GLY D 260 -5.89 5.54 13.95
N GLY D 261 -5.45 6.80 13.81
CA GLY D 261 -4.05 7.16 14.04
C GLY D 261 -3.88 7.58 15.49
N PRO D 262 -2.65 7.92 15.89
CA PRO D 262 -2.41 8.50 17.19
C PRO D 262 -2.90 9.96 17.27
N SER D 263 -3.64 10.29 18.34
CA SER D 263 -4.01 11.65 18.78
C SER D 263 -2.75 12.37 19.33
N SER D 264 -2.92 13.58 19.85
CA SER D 264 -1.79 14.32 20.46
C SER D 264 -1.34 13.56 21.69
N VAL D 265 -2.31 13.02 22.43
CA VAL D 265 -1.97 12.23 23.64
C VAL D 265 -1.41 10.88 23.22
N GLY D 266 -2.00 10.21 22.21
CA GLY D 266 -1.42 9.00 21.56
C GLY D 266 0.09 9.14 21.30
N ASN D 267 0.50 10.24 20.65
CA ASN D 267 1.89 10.48 20.21
C ASN D 267 2.80 10.48 21.45
N LEU D 268 2.31 10.84 22.63
CA LEU D 268 3.16 10.83 23.86
C LEU D 268 3.52 9.42 24.30
N MET D 269 2.76 8.42 23.82
CA MET D 269 2.94 6.99 24.23
C MET D 269 4.28 6.43 23.69
N TYR D 270 4.79 6.91 22.55
CA TYR D 270 5.98 6.38 21.85
C TYR D 270 7.23 6.67 22.68
O1 MES E . 3.37 -7.96 -2.59
C2 MES E . 3.91 -9.27 -2.63
C3 MES E . 4.70 -9.47 -3.90
N4 MES E . 3.84 -9.24 -5.10
C5 MES E . 3.23 -7.88 -5.02
C6 MES E . 2.50 -7.73 -3.69
C7 MES E . 4.60 -9.47 -6.39
C8 MES E . 3.98 -10.62 -7.18
S MES E . 4.84 -11.10 -8.68
O1S MES E . 5.32 -12.42 -8.38
O2S MES E . 3.86 -11.07 -9.75
O3S MES E . 5.94 -10.19 -8.88
CL CL F . -0.88 -22.08 -1.81
O1 MES G . -19.80 -4.39 -35.41
C2 MES G . -19.00 -4.21 -34.26
C3 MES G . -19.17 -5.36 -33.29
N4 MES G . -20.60 -5.61 -32.94
C5 MES G . -21.42 -5.73 -34.20
C6 MES G . -21.18 -4.53 -35.07
C7 MES G . -20.70 -6.85 -32.11
C8 MES G . -21.87 -6.90 -31.17
S MES G . -21.58 -8.03 -29.79
O1S MES G . -22.54 -9.07 -30.02
O2S MES G . -21.82 -7.27 -28.61
O3S MES G . -20.22 -8.50 -29.80
S SO4 H . -9.15 10.93 -42.39
O1 SO4 H . -10.52 11.08 -42.89
O2 SO4 H . -9.13 10.08 -41.18
O3 SO4 H . -8.34 10.34 -43.42
O4 SO4 H . -8.62 12.25 -42.06
CL CL I . -15.79 2.01 -22.57
O1 MES J . 4.11 12.51 -8.27
C2 MES J . 2.84 12.72 -8.89
C3 MES J . 2.02 13.73 -8.13
N4 MES J . 2.64 13.91 -6.76
C5 MES J . 4.01 14.49 -6.93
C6 MES J . 4.75 13.75 -8.01
C7 MES J . 1.81 14.66 -5.77
C8 MES J . 0.56 15.34 -6.30
S MES J . -0.40 16.07 -4.99
O1S MES J . -1.42 16.89 -5.61
O2S MES J . -0.95 14.96 -4.25
O3S MES J . 0.53 16.85 -4.20
CL CL K . 2.07 26.03 -14.08
O1 MES L . -15.13 1.04 28.75
C2 MES L . -14.40 0.90 29.95
C3 MES L . -14.87 -0.29 30.74
N4 MES L . -16.32 -0.15 31.08
C5 MES L . -17.08 0.04 29.79
C6 MES L . -16.51 1.21 29.01
C7 MES L . -16.85 -1.30 31.87
C8 MES L . -16.34 -1.29 33.27
S MES L . -17.07 -2.55 34.30
O1S MES L . -18.46 -2.26 34.41
O2S MES L . -16.81 -3.80 33.63
O3S MES L . -16.38 -2.44 35.56
S SO4 M . -23.42 -8.31 32.32
O1 SO4 M . -24.57 -7.75 31.59
O2 SO4 M . -23.88 -9.46 33.19
O3 SO4 M . -22.37 -8.72 31.33
O4 SO4 M . -22.87 -7.26 33.16
S SO4 N . -20.53 -7.83 40.56
O1 SO4 N . -20.66 -9.13 39.86
O2 SO4 N . -21.38 -7.91 41.77
O3 SO4 N . -21.05 -6.77 39.64
O4 SO4 N . -19.15 -7.57 41.01
CL CL O . -10.68 7.73 40.73
#